data_3M2T
#
_entry.id   3M2T
#
_cell.length_a   138.860
_cell.length_b   63.386
_cell.length_c   103.629
_cell.angle_alpha   90.00
_cell.angle_beta   90.00
_cell.angle_gamma   90.00
#
_symmetry.space_group_name_H-M   'P 21 21 2'
#
loop_
_entity.id
_entity.type
_entity.pdbx_description
1 polymer 'Probable dehydrogenase'
2 non-polymer NICOTINAMIDE-ADENINE-DINUCLEOTIDE
3 non-polymer 'SULFATE ION'
4 water water
#
_entity_poly.entity_id   1
_entity_poly.type   'polypeptide(L)'
_entity_poly.pdbx_seq_one_letter_code
;(MSE)SLSLIKVGLVGIGAQ(MSE)QENLLPSLLQ(MSE)QDIRIVAACDSDLERARRVHRFISDIPVLDNVPA(MSE)L
NQVPLDAVV(MSE)AGPPQLHFE(MSE)GLLA(MSE)SKGVNVFVEKPPCATLEELETLIDAARRSDVVSGVG(MSE)NF
KFARPVRQLRE(MSE)TQVDEFGETLHIQLNHYANKPRAPLWGLDSTLRSFLLAQAIHTIDLAITFGDGELRRVQSSVQR
HDDALIVRAD(MSE)AFSSGATASLLAGTSFPYFEFD(MSE)KLVSSSSTLVELDNLWNITLHEPEHATRPTGAAKRWRG
AWQPGPLDSGYERSGYHGELHQFFQAIREHRRFEADFASLLPTYRVIEEICSADAVAQGLQNAHSRIRTGIESLSEGHHH
HHH
;
_entity_poly.pdbx_strand_id   A,B
#
loop_
_chem_comp.id
_chem_comp.type
_chem_comp.name
_chem_comp.formula
NAD non-polymer NICOTINAMIDE-ADENINE-DINUCLEOTIDE 'C21 H27 N7 O14 P2'
SO4 non-polymer 'SULFATE ION' 'O4 S -2'
#
# COMPACT_ATOMS: atom_id res chain seq x y z
N LEU A 3 26.19 -3.28 5.77
CA LEU A 3 25.78 -3.06 7.16
C LEU A 3 25.68 -4.39 7.88
N SER A 4 25.98 -4.41 9.17
CA SER A 4 25.73 -5.62 9.93
C SER A 4 24.21 -5.99 9.91
N LEU A 5 23.91 -7.27 9.85
CA LEU A 5 22.52 -7.67 9.82
C LEU A 5 21.96 -7.62 11.22
N ILE A 6 20.83 -6.91 11.38
CA ILE A 6 20.10 -6.97 12.64
C ILE A 6 19.27 -8.26 12.72
N LYS A 7 19.45 -9.00 13.82
CA LYS A 7 18.79 -10.33 14.04
C LYS A 7 17.52 -10.19 14.84
N VAL A 8 16.42 -10.59 14.23
CA VAL A 8 15.12 -10.32 14.81
C VAL A 8 14.34 -11.57 15.14
N GLY A 9 13.83 -11.65 16.36
CA GLY A 9 12.87 -12.68 16.76
C GLY A 9 11.43 -12.17 16.84
N LEU A 10 10.47 -12.96 16.35
CA LEU A 10 9.09 -12.52 16.29
C LEU A 10 8.32 -13.18 17.39
N VAL A 11 7.43 -12.41 18.02
CA VAL A 11 6.52 -12.99 18.99
C VAL A 11 5.03 -12.67 18.69
N GLY A 12 4.19 -13.70 18.74
CA GLY A 12 2.77 -13.57 18.44
C GLY A 12 2.59 -13.43 16.95
N ILE A 13 2.48 -14.56 16.28
CA ILE A 13 2.28 -14.60 14.86
C ILE A 13 0.76 -14.72 14.56
N GLY A 14 0.01 -13.75 15.07
CA GLY A 14 -1.40 -13.61 14.79
C GLY A 14 -1.68 -12.70 13.61
N ALA A 15 -2.87 -12.08 13.63
CA ALA A 15 -3.38 -11.27 12.54
C ALA A 15 -2.56 -10.04 12.16
N GLN A 16 -2.25 -9.18 13.13
CA GLN A 16 -1.51 -7.94 12.83
C GLN A 16 -0.05 -8.25 12.44
N MSE A 17 0.51 -9.33 12.99
CA MSE A 17 1.85 -9.77 12.59
C MSE A 17 1.84 -10.23 11.13
O MSE A 17 2.70 -9.82 10.30
CB MSE A 17 2.34 -10.91 13.51
CG MSE A 17 3.66 -11.48 13.15
SE MSE A 17 5.20 -10.24 13.67
CE MSE A 17 5.60 -9.94 11.90
N GLN A 18 0.84 -11.03 10.79
CA GLN A 18 0.75 -11.51 9.40
C GLN A 18 0.31 -10.49 8.35
N GLU A 19 -0.49 -9.53 8.76
CA GLU A 19 -1.00 -8.58 7.80
C GLU A 19 -0.01 -7.46 7.60
N ASN A 20 0.55 -6.96 8.68
CA ASN A 20 1.34 -5.75 8.52
C ASN A 20 2.81 -5.86 8.88
N LEU A 21 3.16 -6.28 10.09
CA LEU A 21 4.55 -6.24 10.56
C LEU A 21 5.51 -7.18 9.81
N LEU A 22 5.14 -8.47 9.75
CA LEU A 22 5.95 -9.48 9.04
C LEU A 22 6.23 -9.09 7.59
N PRO A 23 5.17 -8.72 6.84
CA PRO A 23 5.40 -8.18 5.50
C PRO A 23 6.39 -6.99 5.50
N SER A 24 6.30 -6.05 6.44
CA SER A 24 7.25 -4.94 6.48
C SER A 24 8.67 -5.43 6.73
N LEU A 25 8.84 -6.31 7.71
CA LEU A 25 10.14 -6.90 7.99
C LEU A 25 10.67 -7.65 6.78
N LEU A 26 9.82 -8.41 6.11
CA LEU A 26 10.29 -9.21 4.96
C LEU A 26 10.88 -8.31 3.86
N GLN A 27 10.36 -7.09 3.72
CA GLN A 27 10.92 -6.23 2.67
C GLN A 27 11.85 -5.15 3.25
N MSE A 28 12.43 -5.45 4.39
CA MSE A 28 13.20 -4.48 5.15
C MSE A 28 14.70 -4.83 4.98
O MSE A 28 15.10 -5.96 5.26
CB MSE A 28 12.75 -4.61 6.61
CG MSE A 28 13.48 -3.79 7.64
SE MSE A 28 12.89 -1.93 7.89
CE MSE A 28 10.90 -2.12 8.01
N GLN A 29 15.48 -3.86 4.50
CA GLN A 29 16.88 -4.05 4.19
C GLN A 29 17.76 -4.36 5.39
N ASP A 30 18.66 -5.31 5.24
CA ASP A 30 19.65 -5.53 6.28
C ASP A 30 19.06 -6.00 7.62
N ILE A 31 17.87 -6.56 7.60
CA ILE A 31 17.47 -7.25 8.79
C ILE A 31 17.19 -8.75 8.49
N ARG A 32 17.38 -9.59 9.48
CA ARG A 32 17.09 -11.00 9.32
C ARG A 32 16.17 -11.49 10.40
N ILE A 33 15.10 -12.15 9.99
CA ILE A 33 14.26 -12.85 10.95
C ILE A 33 14.91 -14.23 11.27
N VAL A 34 15.19 -14.52 12.54
CA VAL A 34 15.98 -15.71 12.86
C VAL A 34 15.24 -16.64 13.84
N ALA A 35 14.07 -16.21 14.28
CA ALA A 35 13.20 -17.11 15.05
C ALA A 35 11.75 -16.59 15.07
N ALA A 36 10.79 -17.50 15.23
CA ALA A 36 9.41 -17.06 15.49
C ALA A 36 8.90 -17.81 16.70
N CYS A 37 8.16 -17.11 17.55
CA CYS A 37 7.62 -17.67 18.77
C CYS A 37 6.11 -17.36 18.84
N ASP A 38 5.34 -18.36 19.23
CA ASP A 38 3.89 -18.26 19.51
C ASP A 38 3.51 -19.49 20.32
N SER A 39 2.62 -19.30 21.29
CA SER A 39 2.06 -20.42 22.09
C SER A 39 1.52 -21.55 21.20
N ASP A 40 0.90 -21.17 20.11
CA ASP A 40 0.47 -22.14 19.16
C ASP A 40 1.60 -22.27 18.19
N LEU A 41 2.36 -23.34 18.30
CA LEU A 41 3.49 -23.57 17.43
C LEU A 41 3.16 -23.57 15.94
N GLU A 42 1.98 -24.05 15.56
CA GLU A 42 1.55 -23.97 14.15
C GLU A 42 1.51 -22.52 13.66
N ARG A 43 1.19 -21.58 14.54
CA ARG A 43 1.18 -20.17 14.13
C ARG A 43 2.64 -19.77 13.93
N ALA A 44 3.52 -20.17 14.84
CA ALA A 44 4.94 -19.81 14.69
C ALA A 44 5.48 -20.28 13.34
N ARG A 45 5.09 -21.48 12.92
CA ARG A 45 5.57 -22.08 11.67
C ARG A 45 5.06 -21.38 10.41
N ARG A 46 4.05 -20.54 10.54
CA ARG A 46 3.70 -19.68 9.42
C ARG A 46 4.96 -18.97 8.87
N VAL A 47 5.99 -18.73 9.68
CA VAL A 47 7.16 -18.04 9.09
C VAL A 47 7.99 -18.89 8.15
N HIS A 48 7.82 -20.21 8.25
CA HIS A 48 8.45 -21.17 7.34
C HIS A 48 7.88 -21.07 5.92
N ARG A 49 6.78 -20.39 5.75
CA ARG A 49 6.25 -20.12 4.43
C ARG A 49 7.17 -19.13 3.66
N PHE A 50 7.93 -18.37 4.43
CA PHE A 50 8.84 -17.35 3.88
C PHE A 50 10.34 -17.65 4.04
N ILE A 51 10.71 -18.06 5.24
CA ILE A 51 12.09 -18.37 5.59
C ILE A 51 12.20 -19.82 6.16
N SER A 52 12.87 -20.70 5.41
CA SER A 52 13.00 -22.10 5.84
C SER A 52 13.90 -22.27 7.07
N ASP A 53 13.60 -23.29 7.86
CA ASP A 53 14.54 -23.89 8.82
C ASP A 53 14.70 -23.18 10.15
N ILE A 54 14.54 -21.86 10.17
CA ILE A 54 14.77 -21.10 11.39
C ILE A 54 13.90 -21.66 12.50
N PRO A 55 14.35 -21.58 13.76
CA PRO A 55 13.69 -22.12 14.94
C PRO A 55 12.26 -21.55 15.12
N VAL A 56 11.32 -22.37 15.59
CA VAL A 56 9.99 -21.91 15.99
C VAL A 56 9.80 -22.37 17.43
N LEU A 57 9.34 -21.49 18.32
CA LEU A 57 9.30 -21.80 19.75
C LEU A 57 7.93 -21.48 20.29
N ASP A 58 7.53 -22.13 21.38
CA ASP A 58 6.15 -21.92 21.86
C ASP A 58 6.14 -21.00 23.08
N ASN A 59 7.32 -20.50 23.46
CA ASN A 59 7.47 -19.61 24.62
C ASN A 59 8.71 -18.74 24.47
N VAL A 60 8.63 -17.49 24.93
CA VAL A 60 9.69 -16.52 24.68
C VAL A 60 11.03 -16.91 25.38
N PRO A 61 10.94 -17.33 26.66
CA PRO A 61 12.20 -17.67 27.35
C PRO A 61 13.04 -18.67 26.58
N ALA A 62 12.41 -19.71 26.03
CA ALA A 62 13.14 -20.63 25.18
C ALA A 62 13.79 -19.89 24.00
N MSE A 63 13.07 -18.97 23.39
CA MSE A 63 13.68 -18.30 22.24
C MSE A 63 14.90 -17.46 22.66
O MSE A 63 15.92 -17.45 21.98
CB MSE A 63 12.65 -17.46 21.48
CG MSE A 63 13.25 -16.72 20.27
SE MSE A 63 11.97 -15.55 19.29
CE MSE A 63 11.46 -14.45 20.80
N LEU A 64 14.79 -16.76 23.79
CA LEU A 64 15.87 -15.89 24.25
C LEU A 64 17.09 -16.74 24.65
N ASN A 65 16.86 -17.93 25.17
CA ASN A 65 17.97 -18.77 25.53
C ASN A 65 18.68 -19.48 24.39
N GLN A 66 17.99 -19.72 23.29
CA GLN A 66 18.58 -20.53 22.22
C GLN A 66 18.98 -19.68 21.04
N VAL A 67 18.39 -18.51 20.89
CA VAL A 67 18.67 -17.78 19.67
C VAL A 67 19.24 -16.44 19.93
N PRO A 68 20.41 -16.16 19.33
CA PRO A 68 21.02 -14.84 19.52
C PRO A 68 20.24 -13.82 18.74
N LEU A 69 19.92 -12.72 19.41
CA LEU A 69 19.00 -11.73 18.88
C LEU A 69 19.47 -10.34 19.20
N ASP A 70 19.34 -9.44 18.23
CA ASP A 70 19.49 -8.02 18.50
C ASP A 70 18.16 -7.41 18.88
N ALA A 71 17.05 -8.00 18.41
CA ALA A 71 15.74 -7.39 18.68
C ALA A 71 14.62 -8.37 18.64
N VAL A 72 13.57 -8.06 19.39
CA VAL A 72 12.31 -8.78 19.23
C VAL A 72 11.20 -7.82 18.82
N VAL A 73 10.34 -8.29 17.91
CA VAL A 73 9.17 -7.56 17.48
C VAL A 73 7.98 -8.43 17.90
N MSE A 74 7.06 -7.83 18.67
CA MSE A 74 5.97 -8.59 19.26
C MSE A 74 4.62 -8.03 18.85
O MSE A 74 4.48 -6.80 18.74
CB MSE A 74 6.08 -8.60 20.77
CG MSE A 74 7.49 -8.96 21.32
SE MSE A 74 7.38 -9.47 23.26
CE MSE A 74 5.60 -8.83 23.64
N ALA A 75 3.66 -8.90 18.57
CA ALA A 75 2.30 -8.48 18.31
C ALA A 75 1.30 -9.39 19.01
N GLY A 76 1.18 -9.20 20.32
CA GLY A 76 0.22 -9.97 21.09
C GLY A 76 -0.58 -9.07 22.04
N PRO A 77 -1.12 -9.64 23.12
CA PRO A 77 -1.81 -8.89 24.16
C PRO A 77 -0.85 -8.04 25.02
N PRO A 78 -1.39 -6.96 25.62
CA PRO A 78 -0.62 -6.10 26.51
C PRO A 78 0.19 -6.94 27.49
N GLN A 79 -0.40 -8.01 28.01
CA GLN A 79 0.29 -8.84 29.01
C GLN A 79 1.54 -9.48 28.46
N LEU A 80 1.49 -9.94 27.22
CA LEU A 80 2.67 -10.45 26.58
C LEU A 80 3.75 -9.35 26.50
N HIS A 81 3.38 -8.18 25.99
CA HIS A 81 4.36 -7.11 25.74
C HIS A 81 5.02 -6.70 27.01
N PHE A 82 4.24 -6.63 28.09
CA PHE A 82 4.76 -6.20 29.39
C PHE A 82 5.74 -7.22 29.99
N GLU A 83 5.26 -8.44 30.22
CA GLU A 83 6.07 -9.51 30.78
C GLU A 83 7.29 -9.88 29.96
N MSE A 84 7.09 -10.30 28.72
CA MSE A 84 8.22 -10.64 27.87
C MSE A 84 9.04 -9.41 27.48
O MSE A 84 10.24 -9.50 27.32
CB MSE A 84 7.76 -11.46 26.67
CG MSE A 84 7.03 -12.72 27.11
SE MSE A 84 8.10 -13.75 28.48
CE MSE A 84 9.79 -13.64 27.55
N GLY A 85 8.38 -8.26 27.31
CA GLY A 85 9.14 -7.04 27.10
C GLY A 85 10.22 -6.87 28.15
N LEU A 86 9.87 -6.95 29.42
CA LEU A 86 10.84 -6.85 30.53
C LEU A 86 11.89 -7.99 30.46
N LEU A 87 11.44 -9.19 30.12
CA LEU A 87 12.37 -10.28 30.03
C LEU A 87 13.37 -10.01 28.93
N ALA A 88 12.91 -9.65 27.74
CA ALA A 88 13.84 -9.44 26.65
C ALA A 88 14.86 -8.33 26.98
N MSE A 89 14.39 -7.28 27.64
CA MSE A 89 15.28 -6.15 27.98
C MSE A 89 16.30 -6.55 29.03
O MSE A 89 17.48 -6.18 28.95
CB MSE A 89 14.48 -4.95 28.49
CG MSE A 89 13.68 -4.28 27.42
SE MSE A 89 12.89 -2.57 27.98
CE MSE A 89 13.10 -1.67 26.30
N SER A 90 15.84 -7.30 30.04
CA SER A 90 16.74 -7.88 31.02
C SER A 90 17.85 -8.70 30.39
N LYS A 91 17.62 -9.25 29.21
CA LYS A 91 18.69 -10.01 28.56
C LYS A 91 19.49 -9.19 27.62
N GLY A 92 19.33 -7.87 27.67
CA GLY A 92 19.99 -6.95 26.73
C GLY A 92 19.47 -6.97 25.30
N VAL A 93 18.21 -7.36 25.10
CA VAL A 93 17.67 -7.42 23.74
C VAL A 93 16.80 -6.20 23.52
N ASN A 94 16.95 -5.52 22.39
CA ASN A 94 16.02 -4.42 22.03
C ASN A 94 14.59 -4.91 21.72
N VAL A 95 13.61 -4.13 22.18
CA VAL A 95 12.19 -4.54 22.20
C VAL A 95 11.23 -3.62 21.44
N PHE A 96 10.61 -4.18 20.41
CA PHE A 96 9.51 -3.50 19.73
C PHE A 96 8.22 -4.30 19.96
N VAL A 97 7.19 -3.61 20.45
CA VAL A 97 5.88 -4.17 20.70
C VAL A 97 4.75 -3.34 20.04
N GLU A 98 3.74 -4.06 19.56
CA GLU A 98 2.51 -3.44 19.11
C GLU A 98 1.87 -2.65 20.24
N LYS A 99 1.08 -1.64 19.92
CA LYS A 99 0.32 -1.00 21.00
C LYS A 99 -0.81 -1.95 21.37
N PRO A 100 -1.27 -1.90 22.63
CA PRO A 100 -0.75 -1.13 23.74
C PRO A 100 0.40 -1.93 24.32
N PRO A 101 1.43 -1.23 24.80
CA PRO A 101 2.62 -1.85 25.41
C PRO A 101 2.25 -2.47 26.77
N CYS A 102 1.13 -2.04 27.34
CA CYS A 102 0.74 -2.48 28.67
C CYS A 102 -0.61 -1.90 28.97
N ALA A 103 -1.17 -2.20 30.14
CA ALA A 103 -2.54 -1.79 30.43
C ALA A 103 -2.69 -0.57 31.35
N THR A 104 -1.62 -0.22 32.06
CA THR A 104 -1.71 0.88 32.99
C THR A 104 -0.51 1.83 32.92
N LEU A 105 -0.74 3.05 33.35
CA LEU A 105 0.32 4.03 33.56
C LEU A 105 1.43 3.44 34.42
N GLU A 106 1.05 2.83 35.53
CA GLU A 106 2.05 2.30 36.42
C GLU A 106 2.92 1.20 35.75
N GLU A 107 2.29 0.32 34.98
CA GLU A 107 3.04 -0.61 34.17
C GLU A 107 3.98 0.07 33.17
N LEU A 108 3.51 1.12 32.49
CA LEU A 108 4.35 1.85 31.56
C LEU A 108 5.54 2.44 32.30
N GLU A 109 5.30 3.01 33.47
CA GLU A 109 6.40 3.56 34.25
C GLU A 109 7.40 2.45 34.58
N THR A 110 6.91 1.26 34.90
CA THR A 110 7.80 0.12 35.12
C THR A 110 8.66 -0.23 33.88
N LEU A 111 8.02 -0.15 32.70
CA LEU A 111 8.72 -0.52 31.47
C LEU A 111 9.74 0.56 31.14
N ILE A 112 9.41 1.80 31.48
CA ILE A 112 10.28 2.92 31.14
C ILE A 112 11.57 2.82 31.94
N ASP A 113 11.38 2.55 33.22
CA ASP A 113 12.45 2.46 34.15
C ASP A 113 13.39 1.30 33.74
N ALA A 114 12.83 0.19 33.26
CA ALA A 114 13.65 -0.96 32.85
C ALA A 114 14.40 -0.66 31.58
N ALA A 115 13.74 0.06 30.68
CA ALA A 115 14.41 0.48 29.45
C ALA A 115 15.66 1.32 29.77
N ARG A 116 15.53 2.23 30.74
CA ARG A 116 16.65 3.09 31.06
C ARG A 116 17.80 2.30 31.75
N ARG A 117 17.43 1.37 32.64
CA ARG A 117 18.43 0.59 33.34
C ARG A 117 19.17 -0.35 32.42
N SER A 118 18.46 -0.92 31.45
CA SER A 118 19.09 -1.89 30.58
C SER A 118 19.75 -1.16 29.44
N ASP A 119 19.42 0.11 29.29
CA ASP A 119 19.96 0.85 28.17
C ASP A 119 19.74 0.18 26.82
N VAL A 120 18.54 -0.29 26.52
CA VAL A 120 18.32 -0.89 25.19
C VAL A 120 17.42 0.07 24.44
N VAL A 121 17.27 -0.09 23.12
CA VAL A 121 16.24 0.67 22.42
C VAL A 121 14.86 0.00 22.63
N SER A 122 13.89 0.78 23.07
CA SER A 122 12.50 0.30 23.20
C SER A 122 11.64 0.95 22.11
N GLY A 123 10.54 0.31 21.74
CA GLY A 123 9.61 0.88 20.78
C GLY A 123 8.23 0.33 20.81
N VAL A 124 7.26 1.17 20.42
CA VAL A 124 5.84 0.80 20.38
C VAL A 124 5.34 1.09 18.95
N GLY A 125 4.43 0.25 18.46
CA GLY A 125 4.06 0.32 17.07
C GLY A 125 2.99 1.38 16.84
N MSE A 126 3.36 2.64 17.13
CA MSE A 126 2.58 3.84 16.86
C MSE A 126 2.67 4.26 15.41
O MSE A 126 3.24 5.31 15.09
CB MSE A 126 3.09 5.01 17.71
CG MSE A 126 3.23 4.62 19.19
SE MSE A 126 1.50 3.98 19.98
CE MSE A 126 0.47 5.61 19.75
N ASN A 127 2.08 3.45 14.54
CA ASN A 127 2.26 3.59 13.11
C ASN A 127 1.65 4.90 12.54
N PHE A 128 0.58 5.44 13.16
CA PHE A 128 0.05 6.74 12.72
C PHE A 128 1.15 7.84 12.71
N LYS A 129 1.97 7.88 13.76
CA LYS A 129 3.07 8.85 13.78
C LYS A 129 3.96 8.78 12.54
N PHE A 130 4.14 7.57 12.02
CA PHE A 130 5.15 7.36 10.99
C PHE A 130 4.55 7.30 9.60
N ALA A 131 3.23 7.41 9.54
CA ALA A 131 2.55 7.29 8.28
C ALA A 131 3.06 8.45 7.41
N ARG A 132 3.39 8.13 6.16
CA ARG A 132 3.94 9.09 5.25
C ARG A 132 3.16 10.45 5.25
N PRO A 133 1.80 10.42 5.14
CA PRO A 133 1.06 11.72 5.10
C PRO A 133 1.15 12.51 6.42
N VAL A 134 1.21 11.79 7.55
CA VAL A 134 1.41 12.41 8.84
C VAL A 134 2.83 13.05 8.91
N ARG A 135 3.85 12.33 8.45
CA ARG A 135 5.19 12.88 8.33
C ARG A 135 5.22 14.15 7.48
N GLN A 136 4.57 14.13 6.31
CA GLN A 136 4.47 15.30 5.47
C GLN A 136 3.86 16.47 6.26
N LEU A 137 2.81 16.20 7.04
CA LEU A 137 2.19 17.26 7.83
C LEU A 137 3.17 17.85 8.88
N ARG A 138 3.94 16.96 9.48
CA ARG A 138 4.87 17.31 10.52
C ARG A 138 5.95 18.20 9.93
N GLU A 139 6.39 17.87 8.71
CA GLU A 139 7.37 18.67 7.99
C GLU A 139 6.82 20.08 7.69
N MSE A 140 5.50 20.16 7.51
CA MSE A 140 4.91 21.48 7.24
C MSE A 140 5.02 22.43 8.42
O MSE A 140 5.36 23.61 8.27
CB MSE A 140 3.48 21.32 6.79
CG MSE A 140 3.36 20.92 5.37
SE MSE A 140 1.37 20.59 5.12
CE MSE A 140 1.58 19.35 3.61
N THR A 141 4.75 21.89 9.61
CA THR A 141 4.89 22.60 10.87
C THR A 141 6.31 23.14 11.15
N GLN A 142 7.33 22.49 10.55
CA GLN A 142 8.72 22.95 10.63
C GLN A 142 9.07 24.09 9.66
N VAL A 143 8.17 24.42 8.73
CA VAL A 143 8.45 25.45 7.73
C VAL A 143 7.97 26.87 8.15
N ASP A 144 8.85 27.85 7.93
CA ASP A 144 8.62 29.18 8.46
C ASP A 144 7.25 29.80 8.10
N GLU A 145 6.80 29.61 6.87
CA GLU A 145 5.58 30.24 6.42
C GLU A 145 4.34 29.60 7.06
N PHE A 146 4.45 28.38 7.53
CA PHE A 146 3.38 27.77 8.27
C PHE A 146 3.13 28.51 9.56
N GLY A 147 4.16 29.12 10.15
CA GLY A 147 3.98 29.71 11.46
C GLY A 147 3.82 28.67 12.55
N GLU A 148 3.06 28.97 13.59
CA GLU A 148 2.91 27.94 14.62
C GLU A 148 1.60 27.17 14.52
N THR A 149 1.63 25.94 15.02
CA THR A 149 0.42 25.16 15.15
C THR A 149 -0.35 25.63 16.35
N LEU A 150 -1.51 26.21 16.09
CA LEU A 150 -2.44 26.70 17.10
C LEU A 150 -3.46 25.65 17.53
N HIS A 151 -3.96 24.87 16.59
CA HIS A 151 -5.02 23.96 16.94
C HIS A 151 -4.93 22.73 16.08
N ILE A 152 -5.21 21.59 16.72
CA ILE A 152 -5.20 20.28 16.07
C ILE A 152 -6.53 19.56 16.34
N GLN A 153 -7.20 19.17 15.28
CA GLN A 153 -8.44 18.43 15.43
C GLN A 153 -8.28 17.01 14.93
N LEU A 154 -8.69 16.03 15.73
CA LEU A 154 -8.54 14.62 15.37
C LEU A 154 -9.88 13.89 15.46
N ASN A 155 -10.27 13.18 14.40
CA ASN A 155 -11.51 12.37 14.37
C ASN A 155 -11.15 10.92 14.03
N HIS A 156 -11.46 10.04 14.97
CA HIS A 156 -11.00 8.68 14.95
C HIS A 156 -12.24 7.82 15.19
N TYR A 157 -12.78 7.26 14.11
CA TYR A 157 -13.99 6.44 14.18
C TYR A 157 -13.61 4.97 14.23
N ALA A 158 -14.37 4.18 14.99
CA ALA A 158 -14.17 2.72 14.99
C ALA A 158 -15.52 2.11 15.35
N ASN A 159 -15.65 0.79 15.22
CA ASN A 159 -16.88 0.09 15.65
C ASN A 159 -16.68 -0.78 16.90
N LYS A 160 -15.44 -0.98 17.31
CA LYS A 160 -15.11 -1.84 18.43
C LYS A 160 -13.88 -1.25 19.16
N PRO A 161 -13.57 -1.75 20.37
CA PRO A 161 -14.25 -2.87 21.05
C PRO A 161 -15.56 -2.41 21.65
N ARG A 162 -16.57 -3.30 21.62
CA ARG A 162 -17.86 -3.07 22.30
C ARG A 162 -18.04 -3.90 23.57
N ALA A 163 -16.95 -4.56 24.00
CA ALA A 163 -16.82 -5.25 25.27
C ALA A 163 -15.36 -5.17 25.68
N PRO A 164 -15.08 -5.43 26.97
CA PRO A 164 -13.72 -5.31 27.48
C PRO A 164 -12.75 -6.28 26.80
N LEU A 165 -11.47 -5.88 26.67
CA LEU A 165 -10.45 -6.76 26.07
C LEU A 165 -9.45 -7.18 27.14
N TRP A 166 -8.78 -8.30 26.86
CA TRP A 166 -7.64 -8.77 27.67
C TRP A 166 -7.95 -8.90 29.16
N GLY A 167 -9.21 -9.19 29.49
CA GLY A 167 -9.60 -9.37 30.87
C GLY A 167 -9.72 -8.11 31.70
N LEU A 168 -9.65 -6.93 31.06
CA LEU A 168 -9.83 -5.65 31.76
C LEU A 168 -11.28 -5.55 32.17
N ASP A 169 -11.59 -4.83 33.24
CA ASP A 169 -12.99 -4.65 33.66
C ASP A 169 -13.75 -3.65 32.81
N SER A 170 -13.02 -2.79 32.11
CA SER A 170 -13.63 -1.60 31.53
C SER A 170 -13.57 -1.61 30.00
N THR A 171 -14.72 -1.45 29.36
CA THR A 171 -14.77 -1.30 27.92
C THR A 171 -14.11 0.05 27.45
N LEU A 172 -14.19 1.07 28.30
CA LEU A 172 -13.61 2.37 27.99
C LEU A 172 -12.10 2.25 27.97
N ARG A 173 -11.54 1.64 29.02
CA ARG A 173 -10.11 1.49 29.07
C ARG A 173 -9.63 0.62 27.90
N SER A 174 -10.42 -0.37 27.49
CA SER A 174 -10.04 -1.22 26.36
C SER A 174 -9.98 -0.41 25.05
N PHE A 175 -10.99 0.44 24.86
CA PHE A 175 -11.08 1.28 23.69
C PHE A 175 -9.90 2.27 23.65
N LEU A 176 -9.61 2.88 24.80
CA LEU A 176 -8.50 3.81 24.90
C LEU A 176 -7.18 3.13 24.56
N LEU A 177 -6.97 1.89 25.02
CA LEU A 177 -5.72 1.23 24.78
C LEU A 177 -5.65 0.58 23.40
N ALA A 178 -6.81 0.11 22.89
CA ALA A 178 -6.87 -0.56 21.59
C ALA A 178 -6.87 0.44 20.42
N GLN A 179 -7.42 1.62 20.65
CA GLN A 179 -7.63 2.55 19.54
C GLN A 179 -7.17 3.99 19.78
N ALA A 180 -7.75 4.63 20.77
CA ALA A 180 -7.55 6.06 20.93
C ALA A 180 -6.06 6.33 21.20
N ILE A 181 -5.35 5.34 21.69
CA ILE A 181 -3.92 5.54 21.99
C ILE A 181 -3.20 6.18 20.79
N HIS A 182 -3.63 5.81 19.60
CA HIS A 182 -3.03 6.34 18.38
C HIS A 182 -3.24 7.81 18.22
N THR A 183 -4.49 8.26 18.39
CA THR A 183 -4.84 9.63 18.08
C THR A 183 -4.49 10.54 19.25
N ILE A 184 -4.55 10.04 20.48
CA ILE A 184 -4.05 10.81 21.61
C ILE A 184 -2.54 11.07 21.39
N ASP A 185 -1.81 10.06 20.95
CA ASP A 185 -0.39 10.24 20.71
C ASP A 185 -0.14 11.23 19.57
N LEU A 186 -1.02 11.24 18.56
CA LEU A 186 -0.82 12.22 17.50
C LEU A 186 -0.99 13.61 18.04
N ALA A 187 -1.93 13.77 18.96
CA ALA A 187 -2.14 15.05 19.65
C ALA A 187 -0.92 15.53 20.39
N ILE A 188 -0.25 14.63 21.12
CA ILE A 188 0.91 14.96 21.91
C ILE A 188 2.04 15.34 20.94
N THR A 189 2.11 14.61 19.82
CA THR A 189 3.12 14.84 18.80
C THR A 189 3.03 16.23 18.15
N PHE A 190 1.82 16.65 17.77
CA PHE A 190 1.64 17.95 17.13
C PHE A 190 1.59 19.07 18.15
N GLY A 191 1.08 18.79 19.34
CA GLY A 191 1.16 19.74 20.44
C GLY A 191 2.58 20.22 20.72
N ASP A 192 3.54 19.30 20.75
CA ASP A 192 4.97 19.69 20.72
C ASP A 192 5.28 20.74 21.85
N GLY A 193 5.50 20.23 23.06
CA GLY A 193 5.50 21.08 24.25
C GLY A 193 4.81 20.27 25.33
N GLU A 194 4.76 20.76 26.55
CA GLU A 194 4.27 19.95 27.64
C GLU A 194 2.77 20.03 27.74
N LEU A 195 2.18 18.87 27.99
CA LEU A 195 0.78 18.76 28.22
C LEU A 195 0.50 19.54 29.49
N ARG A 196 -0.44 20.48 29.40
CA ARG A 196 -0.73 21.40 30.48
C ARG A 196 -2.14 21.24 31.06
N ARG A 197 -3.11 20.88 30.23
CA ARG A 197 -4.47 20.61 30.73
C ARG A 197 -5.19 19.56 29.88
N VAL A 198 -5.99 18.73 30.54
CA VAL A 198 -6.79 17.73 29.87
C VAL A 198 -8.19 17.78 30.39
N GLN A 199 -9.16 17.89 29.48
CA GLN A 199 -10.54 17.79 29.82
C GLN A 199 -11.13 16.74 28.90
N SER A 200 -12.19 16.08 29.35
CA SER A 200 -12.70 14.96 28.60
C SER A 200 -14.09 14.59 29.01
N SER A 201 -14.75 13.83 28.15
CA SER A 201 -16.05 13.33 28.51
C SER A 201 -16.36 12.10 27.70
N VAL A 202 -17.21 11.26 28.26
CA VAL A 202 -17.55 9.99 27.68
C VAL A 202 -19.04 9.81 27.68
N GLN A 203 -19.61 9.53 26.53
CA GLN A 203 -21.00 9.21 26.46
C GLN A 203 -21.12 7.77 26.11
N ARG A 204 -22.09 7.11 26.67
CA ARG A 204 -22.39 5.72 26.39
C ARG A 204 -23.77 5.53 25.85
N HIS A 205 -23.93 4.59 24.96
CA HIS A 205 -25.22 4.19 24.49
C HIS A 205 -25.15 2.74 24.12
N ASP A 206 -25.90 1.92 24.83
CA ASP A 206 -25.76 0.49 24.77
C ASP A 206 -24.31 0.11 24.98
N ASP A 207 -23.74 -0.60 24.06
CA ASP A 207 -22.40 -1.01 24.25
C ASP A 207 -21.40 -0.14 23.50
N ALA A 208 -21.85 1.00 23.01
CA ALA A 208 -21.05 1.96 22.22
C ALA A 208 -20.62 3.22 23.00
N LEU A 209 -19.51 3.80 22.60
CA LEU A 209 -18.92 4.95 23.29
C LEU A 209 -18.59 6.07 22.29
N ILE A 210 -18.63 7.31 22.79
CA ILE A 210 -18.12 8.50 22.11
C ILE A 210 -17.30 9.21 23.18
N VAL A 211 -16.00 9.34 22.92
CA VAL A 211 -15.09 9.99 23.81
C VAL A 211 -14.65 11.32 23.18
N ARG A 212 -14.72 12.37 23.97
CA ARG A 212 -14.24 13.70 23.58
C ARG A 212 -13.11 14.10 24.54
N ALA A 213 -11.93 14.38 24.00
CA ALA A 213 -10.84 14.87 24.86
C ALA A 213 -10.23 16.17 24.28
N ASP A 214 -10.07 17.18 25.14
CA ASP A 214 -9.36 18.42 24.79
C ASP A 214 -8.07 18.56 25.57
N MSE A 215 -7.02 18.98 24.88
CA MSE A 215 -5.70 19.09 25.51
C MSE A 215 -5.06 20.43 25.26
O MSE A 215 -5.15 20.95 24.15
CB MSE A 215 -4.79 17.97 24.97
CG MSE A 215 -5.22 16.59 25.43
SE MSE A 215 -4.72 15.18 24.15
CE MSE A 215 -2.83 15.44 24.38
N ALA A 216 -4.40 21.00 26.25
CA ALA A 216 -3.66 22.22 25.98
C ALA A 216 -2.20 22.00 26.30
N PHE A 217 -1.35 22.62 25.49
CA PHE A 217 0.09 22.45 25.56
C PHE A 217 0.80 23.73 25.97
N SER A 218 2.00 23.60 26.54
CA SER A 218 2.69 24.78 27.03
C SER A 218 2.97 25.69 25.83
N SER A 219 3.22 25.09 24.68
CA SER A 219 3.42 25.84 23.44
C SER A 219 2.27 26.79 23.05
N GLY A 220 1.13 26.71 23.75
CA GLY A 220 -0.05 27.50 23.46
C GLY A 220 -1.10 26.75 22.63
N ALA A 221 -0.63 25.76 21.87
CA ALA A 221 -1.44 24.88 21.02
C ALA A 221 -2.50 24.09 21.78
N THR A 222 -3.65 23.87 21.13
CA THR A 222 -4.70 23.03 21.71
C THR A 222 -5.01 21.87 20.77
N ALA A 223 -5.51 20.78 21.32
CA ALA A 223 -5.96 19.65 20.50
C ALA A 223 -7.33 19.18 20.98
N SER A 224 -8.17 18.79 20.02
CA SER A 224 -9.52 18.22 20.32
C SER A 224 -9.70 16.92 19.56
N LEU A 225 -10.06 15.89 20.30
CA LEU A 225 -10.21 14.58 19.75
C LEU A 225 -11.65 14.10 19.90
N LEU A 226 -12.21 13.63 18.80
CA LEU A 226 -13.48 12.95 18.87
C LEU A 226 -13.13 11.51 18.55
N ALA A 227 -13.49 10.59 19.45
CA ALA A 227 -13.17 9.17 19.20
C ALA A 227 -14.27 8.28 19.74
N GLY A 228 -14.35 7.06 19.24
CA GLY A 228 -15.28 6.11 19.83
C GLY A 228 -15.61 4.93 18.95
N THR A 229 -16.57 4.14 19.44
CA THR A 229 -17.04 2.90 18.79
C THR A 229 -18.45 3.00 18.24
N SER A 230 -19.04 4.17 18.33
CA SER A 230 -20.37 4.41 17.80
C SER A 230 -20.44 4.79 16.30
N PHE A 231 -19.72 4.02 15.47
CA PHE A 231 -19.55 4.35 14.06
C PHE A 231 -19.51 3.05 13.27
N PRO A 232 -19.75 3.11 11.97
CA PRO A 232 -19.77 1.85 11.22
C PRO A 232 -18.42 1.17 11.02
N TYR A 233 -17.30 1.88 10.85
CA TYR A 233 -16.03 1.22 10.55
C TYR A 233 -14.92 2.16 10.96
N PHE A 234 -13.70 1.66 10.99
CA PHE A 234 -12.51 2.47 11.27
C PHE A 234 -12.28 3.45 10.14
N GLU A 235 -12.17 4.72 10.49
CA GLU A 235 -11.80 5.84 9.57
C GLU A 235 -11.07 6.90 10.41
N PHE A 236 -10.31 7.80 9.77
CA PHE A 236 -9.55 8.79 10.54
C PHE A 236 -9.28 10.06 9.72
N ASP A 237 -9.62 11.23 10.25
CA ASP A 237 -9.45 12.53 9.62
C ASP A 237 -8.80 13.44 10.66
N MSE A 238 -7.85 14.27 10.24
CA MSE A 238 -7.32 15.31 11.13
C MSE A 238 -7.16 16.66 10.42
O MSE A 238 -7.14 16.74 9.20
CB MSE A 238 -6.01 14.90 11.75
CG MSE A 238 -4.91 14.77 10.74
SE MSE A 238 -3.17 14.34 11.61
CE MSE A 238 -2.72 16.18 12.20
N LYS A 239 -7.05 17.72 11.22
CA LYS A 239 -6.76 19.04 10.69
C LYS A 239 -5.74 19.77 11.52
N LEU A 240 -5.03 20.71 10.89
CA LEU A 240 -4.19 21.66 11.62
C LEU A 240 -4.55 23.10 11.24
N VAL A 241 -4.64 23.99 12.24
CA VAL A 241 -4.86 25.44 12.04
C VAL A 241 -3.56 26.16 12.47
N SER A 242 -2.92 26.89 11.58
CA SER A 242 -1.65 27.50 11.95
C SER A 242 -1.84 28.99 12.17
N SER A 243 -0.86 29.62 12.80
CA SER A 243 -0.93 31.07 13.06
C SER A 243 -0.85 31.93 11.79
N SER A 244 -0.54 31.32 10.66
CA SER A 244 -0.55 32.12 9.45
C SER A 244 -1.85 31.89 8.69
N SER A 245 -2.90 31.46 9.40
CA SER A 245 -4.19 31.17 8.75
C SER A 245 -4.06 30.12 7.64
N THR A 246 -3.20 29.14 7.88
CA THR A 246 -3.13 27.97 7.04
C THR A 246 -4.02 26.91 7.72
N LEU A 247 -4.89 26.30 6.96
CA LEU A 247 -5.63 25.16 7.46
C LEU A 247 -5.24 23.96 6.59
N VAL A 248 -4.81 22.88 7.25
CA VAL A 248 -4.40 21.67 6.55
C VAL A 248 -5.29 20.51 7.02
N GLU A 249 -5.86 19.80 6.05
CA GLU A 249 -6.78 18.70 6.30
C GLU A 249 -6.17 17.44 5.72
N LEU A 250 -6.20 16.36 6.50
CA LEU A 250 -5.77 15.05 6.05
C LEU A 250 -6.90 14.06 6.28
N ASP A 251 -7.43 13.56 5.16
CA ASP A 251 -8.56 12.67 5.17
C ASP A 251 -8.13 11.21 4.87
N ASN A 252 -8.31 10.37 5.86
CA ASN A 252 -8.06 8.95 5.67
C ASN A 252 -6.64 8.51 5.33
N LEU A 253 -5.68 9.36 5.71
CA LEU A 253 -4.25 9.15 5.45
C LEU A 253 -4.07 9.06 3.96
N TRP A 254 -4.99 9.68 3.23
CA TRP A 254 -4.92 9.59 1.77
C TRP A 254 -4.70 10.96 1.18
N ASN A 255 -5.75 11.78 1.19
CA ASN A 255 -5.61 13.07 0.55
C ASN A 255 -5.48 14.25 1.49
N ILE A 256 -4.66 15.20 1.07
CA ILE A 256 -4.39 16.37 1.87
C ILE A 256 -5.06 17.55 1.19
N THR A 257 -5.60 18.48 1.98
CA THR A 257 -6.14 19.75 1.43
C THR A 257 -5.48 20.89 2.18
N LEU A 258 -4.96 21.83 1.43
CA LEU A 258 -4.21 22.90 2.04
C LEU A 258 -4.81 24.26 1.72
N HIS A 259 -5.35 24.88 2.75
CA HIS A 259 -6.03 26.14 2.60
C HIS A 259 -5.08 27.22 3.12
N GLU A 260 -4.81 28.20 2.30
CA GLU A 260 -3.96 29.30 2.75
C GLU A 260 -4.32 30.56 2.03
N PRO A 261 -4.13 31.72 2.66
CA PRO A 261 -4.31 33.01 1.93
C PRO A 261 -3.52 33.09 0.62
N GLU A 262 -4.15 33.52 -0.48
CA GLU A 262 -3.48 33.84 -1.74
C GLU A 262 -2.83 32.67 -2.53
N HIS A 263 -3.40 31.50 -2.38
CA HIS A 263 -3.06 30.39 -3.24
C HIS A 263 -3.43 30.66 -4.72
N ALA A 264 -2.56 30.19 -5.62
CA ALA A 264 -2.66 30.52 -7.04
C ALA A 264 -2.47 29.31 -7.97
N THR A 265 -2.96 29.45 -9.18
CA THR A 265 -2.55 28.57 -10.26
C THR A 265 -2.05 29.54 -11.33
N ARG A 266 -1.28 29.04 -12.30
CA ARG A 266 -0.76 29.91 -13.34
C ARG A 266 -1.87 30.39 -14.31
N PRO A 267 -2.80 29.50 -14.64
CA PRO A 267 -3.80 30.07 -15.53
C PRO A 267 -4.67 31.11 -14.85
N THR A 268 -4.70 31.20 -13.51
CA THR A 268 -5.64 32.15 -12.89
C THR A 268 -5.03 33.27 -12.07
N GLY A 269 -3.79 33.12 -11.62
CA GLY A 269 -3.23 34.01 -10.60
C GLY A 269 -3.84 33.68 -9.23
N ALA A 270 -3.55 34.51 -8.24
CA ALA A 270 -4.06 34.24 -6.89
C ALA A 270 -5.52 34.64 -6.76
N ALA A 271 -6.44 33.84 -7.32
CA ALA A 271 -7.86 34.21 -7.20
C ALA A 271 -8.46 33.62 -5.93
N LYS A 272 -9.43 34.35 -5.42
CA LYS A 272 -10.15 33.98 -4.22
C LYS A 272 -10.52 32.48 -4.28
N ARG A 273 -10.31 31.78 -3.17
CA ARG A 273 -10.81 30.40 -2.93
C ARG A 273 -10.08 29.23 -3.62
N TRP A 274 -8.91 29.50 -4.23
CA TRP A 274 -8.06 28.41 -4.67
C TRP A 274 -7.37 27.76 -3.47
N ARG A 275 -7.41 26.44 -3.42
CA ARG A 275 -6.56 25.73 -2.46
C ARG A 275 -5.56 24.80 -3.16
N GLY A 276 -4.60 24.31 -2.41
CA GLY A 276 -3.80 23.17 -2.87
C GLY A 276 -4.40 21.81 -2.50
N ALA A 277 -4.38 20.85 -3.40
CA ALA A 277 -4.70 19.49 -2.97
C ALA A 277 -3.63 18.52 -3.41
N TRP A 278 -3.51 17.47 -2.61
CA TRP A 278 -2.52 16.44 -2.83
C TRP A 278 -3.08 15.03 -2.49
N GLN A 279 -2.83 14.07 -3.38
CA GLN A 279 -3.01 12.66 -3.02
C GLN A 279 -1.95 11.82 -3.69
N PRO A 280 -1.77 10.58 -3.22
CA PRO A 280 -0.77 9.69 -3.84
C PRO A 280 -1.13 9.32 -5.26
N GLY A 281 -0.15 8.85 -6.02
CA GLY A 281 -0.45 8.25 -7.31
C GLY A 281 -1.28 6.96 -7.18
N PRO A 282 -1.90 6.54 -8.27
CA PRO A 282 -2.83 5.38 -8.26
C PRO A 282 -2.18 4.08 -7.76
N LEU A 283 -0.87 3.90 -7.98
CA LEU A 283 -0.19 2.63 -7.69
C LEU A 283 0.62 2.65 -6.39
N ASP A 284 0.40 3.70 -5.60
CA ASP A 284 0.95 3.79 -4.25
C ASP A 284 0.84 2.43 -3.58
N SER A 285 1.95 1.87 -3.12
CA SER A 285 1.80 0.66 -2.36
C SER A 285 2.92 0.40 -1.35
N GLY A 286 2.84 -0.74 -0.66
CA GLY A 286 3.73 -1.04 0.44
C GLY A 286 3.18 -0.59 1.78
N TYR A 287 4.09 -0.25 2.67
CA TYR A 287 3.74 -0.03 4.04
C TYR A 287 4.22 1.33 4.55
N GLU A 288 4.66 2.20 3.66
CA GLU A 288 4.98 3.59 4.06
C GLU A 288 3.74 4.46 4.34
N ARG A 289 2.78 4.49 3.43
CA ARG A 289 1.64 5.40 3.60
C ARG A 289 1.03 5.11 4.96
N SER A 290 0.91 3.82 5.30
CA SER A 290 0.33 3.42 6.58
C SER A 290 1.21 3.48 7.83
N GLY A 291 2.54 3.65 7.70
CA GLY A 291 3.38 3.85 8.86
C GLY A 291 4.10 2.63 9.43
N TYR A 292 3.70 1.40 9.06
CA TYR A 292 4.39 0.21 9.53
C TYR A 292 5.89 0.15 9.13
N HIS A 293 6.19 0.44 7.86
CA HIS A 293 7.55 0.53 7.42
C HIS A 293 8.32 1.54 8.27
N GLY A 294 7.85 2.78 8.25
CA GLY A 294 8.53 3.84 8.95
C GLY A 294 8.81 3.54 10.41
N GLU A 295 7.82 3.01 11.13
CA GLU A 295 8.05 2.81 12.56
C GLU A 295 9.17 1.75 12.83
N LEU A 296 9.27 0.75 11.95
CA LEU A 296 10.23 -0.34 12.12
C LEU A 296 11.62 0.15 11.64
N HIS A 297 11.65 0.72 10.45
CA HIS A 297 12.87 1.33 9.93
C HIS A 297 13.60 2.22 10.96
N GLN A 298 12.86 3.11 11.59
CA GLN A 298 13.43 4.01 12.60
C GLN A 298 13.82 3.35 13.87
N PHE A 299 13.03 2.35 14.27
CA PHE A 299 13.43 1.55 15.39
C PHE A 299 14.83 0.91 15.14
N PHE A 300 15.01 0.32 13.97
CA PHE A 300 16.26 -0.37 13.66
C PHE A 300 17.43 0.61 13.59
N GLN A 301 17.18 1.74 12.96
CA GLN A 301 18.12 2.84 12.93
C GLN A 301 18.55 3.27 14.31
N ALA A 302 17.60 3.46 15.21
CA ALA A 302 17.95 3.84 16.57
C ALA A 302 18.86 2.79 17.19
N ILE A 303 18.67 1.52 16.81
CA ILE A 303 19.57 0.50 17.29
C ILE A 303 20.97 0.68 16.65
N ARG A 304 21.04 0.86 15.34
CA ARG A 304 22.34 1.01 14.72
C ARG A 304 23.16 2.17 15.32
N GLU A 305 22.55 3.32 15.53
CA GLU A 305 23.28 4.49 16.01
C GLU A 305 23.12 4.66 17.50
N HIS A 306 22.64 3.63 18.16
CA HIS A 306 22.47 3.70 19.59
C HIS A 306 21.89 5.04 20.08
N ARG A 307 20.90 5.58 19.35
CA ARG A 307 20.14 6.72 19.82
C ARG A 307 18.73 6.28 20.20
N ARG A 308 17.96 7.20 20.76
CA ARG A 308 16.57 7.02 21.14
C ARG A 308 15.65 6.73 19.94
N PHE A 309 14.67 5.88 20.14
CA PHE A 309 13.64 5.71 19.15
C PHE A 309 12.51 6.63 19.58
N GLU A 310 11.95 7.30 18.60
CA GLU A 310 10.97 8.36 18.88
C GLU A 310 9.66 7.82 19.53
N ALA A 311 9.33 6.56 19.27
CA ALA A 311 8.16 5.97 19.89
C ALA A 311 8.57 4.91 20.93
N ASP A 312 9.57 5.25 21.74
CA ASP A 312 10.04 4.35 22.81
C ASP A 312 9.02 4.42 23.94
N PHE A 313 9.20 3.61 24.98
CA PHE A 313 8.23 3.58 26.05
C PHE A 313 7.97 4.98 26.66
N ALA A 314 9.05 5.73 26.87
CA ALA A 314 8.94 7.01 27.57
C ALA A 314 8.07 8.01 26.81
N SER A 315 8.18 7.98 25.49
CA SER A 315 7.44 8.87 24.63
C SER A 315 5.92 8.71 24.88
N LEU A 316 5.52 7.59 25.47
CA LEU A 316 4.10 7.31 25.63
C LEU A 316 3.62 7.81 26.96
N LEU A 317 4.54 8.33 27.77
CA LEU A 317 4.15 8.78 29.09
C LEU A 317 2.93 9.75 29.09
N PRO A 318 2.95 10.76 28.21
CA PRO A 318 1.83 11.72 28.24
C PRO A 318 0.56 11.08 27.74
N THR A 319 0.73 10.11 26.85
CA THR A 319 -0.48 9.46 26.36
C THR A 319 -1.15 8.63 27.46
N TYR A 320 -0.36 7.94 28.28
CA TYR A 320 -0.96 7.18 29.36
C TYR A 320 -1.61 8.08 30.42
N ARG A 321 -1.00 9.21 30.70
CA ARG A 321 -1.60 10.19 31.61
C ARG A 321 -2.96 10.65 31.16
N VAL A 322 -3.12 10.83 29.85
CA VAL A 322 -4.40 11.23 29.30
C VAL A 322 -5.39 10.09 29.42
N ILE A 323 -4.95 8.86 29.10
CA ILE A 323 -5.80 7.69 29.26
C ILE A 323 -6.25 7.59 30.71
N GLU A 324 -5.31 7.68 31.65
CA GLU A 324 -5.67 7.57 33.06
C GLU A 324 -6.71 8.61 33.42
N GLU A 325 -6.42 9.85 33.03
CA GLU A 325 -7.32 10.95 33.30
C GLU A 325 -8.69 10.75 32.67
N ILE A 326 -8.72 10.21 31.46
CA ILE A 326 -10.02 9.97 30.87
C ILE A 326 -10.79 8.92 31.68
N CYS A 327 -10.09 7.86 32.14
CA CYS A 327 -10.80 6.85 32.93
C CYS A 327 -11.22 7.32 34.32
N SER A 328 -10.34 8.07 34.98
CA SER A 328 -10.70 8.64 36.26
C SER A 328 -11.90 9.55 36.16
N ALA A 329 -11.90 10.48 35.20
CA ALA A 329 -13.03 11.44 35.10
C ALA A 329 -14.31 10.70 34.83
N ASP A 330 -14.25 9.72 33.94
CA ASP A 330 -15.43 8.91 33.63
C ASP A 330 -15.93 8.16 34.89
N ALA A 331 -15.02 7.64 35.71
CA ALA A 331 -15.40 6.89 36.92
C ALA A 331 -16.15 7.79 37.88
N VAL A 332 -15.70 9.04 37.97
CA VAL A 332 -16.37 10.04 38.80
C VAL A 332 -17.73 10.35 38.22
N ALA A 333 -17.78 10.62 36.93
CA ALA A 333 -19.05 10.94 36.30
C ALA A 333 -20.02 9.78 36.52
N GLN A 334 -19.64 8.57 36.17
CA GLN A 334 -20.51 7.42 36.39
C GLN A 334 -20.99 7.36 37.86
N GLY A 335 -20.04 7.39 38.80
CA GLY A 335 -20.35 7.46 40.22
C GLY A 335 -21.45 8.47 40.60
N LEU A 336 -21.28 9.72 40.19
CA LEU A 336 -22.27 10.71 40.52
C LEU A 336 -23.63 10.35 39.93
N GLN A 337 -23.65 9.88 38.69
CA GLN A 337 -24.92 9.62 38.05
C GLN A 337 -25.61 8.43 38.72
N ASN A 338 -24.82 7.43 39.10
CA ASN A 338 -25.33 6.29 39.85
C ASN A 338 -25.91 6.67 41.22
N ALA A 339 -25.25 7.56 41.95
CA ALA A 339 -25.75 7.96 43.26
C ALA A 339 -26.95 8.87 43.09
N HIS A 340 -26.93 9.69 42.06
CA HIS A 340 -28.07 10.52 41.77
C HIS A 340 -29.33 9.67 41.73
N SER A 341 -29.32 8.69 40.84
CA SER A 341 -30.46 7.83 40.64
C SER A 341 -30.78 7.05 41.91
N ARG A 342 -29.77 6.39 42.46
CA ARG A 342 -29.96 5.59 43.68
C ARG A 342 -30.77 6.39 44.70
N ILE A 343 -30.52 7.69 44.73
CA ILE A 343 -31.17 8.55 45.66
C ILE A 343 -32.52 9.03 45.15
N ARG A 344 -32.58 9.66 44.01
CA ARG A 344 -33.88 10.11 43.55
C ARG A 344 -34.80 8.93 43.55
N SER B 2 4.70 -27.46 3.81
CA SER B 2 3.50 -28.06 3.20
C SER B 2 3.56 -28.08 1.66
N LEU B 3 3.13 -26.99 1.02
CA LEU B 3 3.36 -26.80 -0.42
C LEU B 3 4.85 -26.82 -0.74
N SER B 4 5.17 -27.26 -1.95
CA SER B 4 6.55 -27.23 -2.41
C SER B 4 7.00 -25.78 -2.69
N LEU B 5 8.27 -25.49 -2.45
CA LEU B 5 8.81 -24.16 -2.66
C LEU B 5 9.03 -23.94 -4.16
N ILE B 6 8.45 -22.90 -4.73
CA ILE B 6 8.78 -22.54 -6.10
C ILE B 6 10.08 -21.69 -6.10
N LYS B 7 11.06 -22.13 -6.91
CA LYS B 7 12.42 -21.49 -6.96
C LYS B 7 12.49 -20.40 -8.06
N VAL B 8 12.78 -19.17 -7.65
CA VAL B 8 12.67 -18.06 -8.59
C VAL B 8 14.01 -17.33 -8.76
N GLY B 9 14.43 -17.12 -10.02
CA GLY B 9 15.52 -16.19 -10.33
C GLY B 9 14.99 -14.84 -10.81
N LEU B 10 15.60 -13.75 -10.35
CA LEU B 10 15.21 -12.40 -10.77
C LEU B 10 16.17 -11.87 -11.81
N VAL B 11 15.64 -11.31 -12.88
CA VAL B 11 16.46 -10.68 -13.90
C VAL B 11 16.05 -9.18 -14.00
N GLY B 12 17.04 -8.27 -13.91
CA GLY B 12 16.80 -6.84 -14.03
C GLY B 12 16.41 -6.22 -12.70
N ILE B 13 17.36 -5.92 -11.83
CA ILE B 13 17.08 -5.35 -10.52
C ILE B 13 17.16 -3.79 -10.55
N GLY B 14 16.41 -3.19 -11.46
CA GLY B 14 16.23 -1.77 -11.43
C GLY B 14 15.05 -1.27 -10.58
N ALA B 15 14.46 -0.18 -11.03
CA ALA B 15 13.51 0.54 -10.16
C ALA B 15 12.19 -0.20 -9.96
N GLN B 16 11.61 -0.73 -11.03
CA GLN B 16 10.33 -1.41 -10.89
C GLN B 16 10.51 -2.76 -10.20
N MSE B 17 11.67 -3.40 -10.37
CA MSE B 17 11.94 -4.60 -9.59
C MSE B 17 12.01 -4.22 -8.11
O MSE B 17 11.36 -4.84 -7.27
CB MSE B 17 13.24 -5.29 -10.05
CG MSE B 17 13.61 -6.49 -9.21
SE MSE B 17 12.44 -8.05 -9.62
CE MSE B 17 12.14 -8.60 -7.83
N GLN B 18 12.74 -3.17 -7.77
CA GLN B 18 12.93 -2.88 -6.36
C GLN B 18 11.72 -2.27 -5.68
N GLU B 19 10.96 -1.41 -6.38
CA GLU B 19 9.81 -0.77 -5.74
C GLU B 19 8.60 -1.69 -5.53
N ASN B 20 8.23 -2.50 -6.54
CA ASN B 20 7.03 -3.32 -6.46
C ASN B 20 7.21 -4.87 -6.50
N LEU B 21 7.94 -5.38 -7.51
CA LEU B 21 7.98 -6.82 -7.75
C LEU B 21 8.66 -7.60 -6.65
N LEU B 22 9.84 -7.12 -6.28
CA LEU B 22 10.67 -7.78 -5.28
C LEU B 22 10.05 -7.80 -3.89
N PRO B 23 9.64 -6.64 -3.41
CA PRO B 23 8.85 -6.61 -2.16
C PRO B 23 7.68 -7.57 -2.25
N SER B 24 7.02 -7.64 -3.40
CA SER B 24 5.87 -8.56 -3.46
C SER B 24 6.37 -9.97 -3.30
N LEU B 25 7.45 -10.33 -4.01
CA LEU B 25 7.96 -11.70 -3.95
C LEU B 25 8.39 -12.09 -2.54
N LEU B 26 8.99 -11.14 -1.82
CA LEU B 26 9.55 -11.35 -0.49
C LEU B 26 8.48 -11.70 0.53
N GLN B 27 7.23 -11.32 0.26
CA GLN B 27 6.14 -11.59 1.20
C GLN B 27 5.20 -12.67 0.65
N MSE B 28 5.65 -13.35 -0.38
CA MSE B 28 4.87 -14.34 -1.09
C MSE B 28 5.11 -15.76 -0.48
O MSE B 28 6.26 -16.24 -0.45
CB MSE B 28 5.27 -14.29 -2.55
CG MSE B 28 4.50 -15.21 -3.48
SE MSE B 28 2.84 -14.40 -4.24
CE MSE B 28 3.37 -12.53 -4.44
N GLN B 29 4.06 -16.39 0.04
CA GLN B 29 4.19 -17.71 0.67
C GLN B 29 4.75 -18.76 -0.25
N ASP B 30 5.76 -19.52 0.23
CA ASP B 30 6.18 -20.76 -0.45
C ASP B 30 6.89 -20.49 -1.76
N ILE B 31 7.57 -19.37 -1.88
CA ILE B 31 8.48 -19.20 -2.99
C ILE B 31 9.81 -18.79 -2.40
N ARG B 32 10.89 -19.15 -3.09
CA ARG B 32 12.22 -18.73 -2.67
C ARG B 32 12.90 -17.99 -3.82
N ILE B 33 13.39 -16.80 -3.52
CA ILE B 33 14.29 -16.17 -4.46
C ILE B 33 15.64 -16.88 -4.30
N VAL B 34 16.13 -17.50 -5.38
CA VAL B 34 17.39 -18.26 -5.31
C VAL B 34 18.55 -17.72 -6.16
N ALA B 35 18.31 -16.64 -6.93
CA ALA B 35 19.34 -16.07 -7.79
C ALA B 35 18.90 -14.69 -8.24
N ALA B 36 19.84 -13.78 -8.46
CA ALA B 36 19.52 -12.50 -9.04
C ALA B 36 20.49 -12.23 -10.14
N CYS B 37 20.00 -11.72 -11.25
CA CYS B 37 20.85 -11.53 -12.41
C CYS B 37 20.69 -10.08 -12.90
N ASP B 38 21.79 -9.40 -13.22
CA ASP B 38 21.80 -8.05 -13.79
C ASP B 38 23.16 -7.78 -14.49
N SER B 39 23.14 -7.11 -15.66
CA SER B 39 24.37 -6.55 -16.28
C SER B 39 25.36 -5.99 -15.27
N ASP B 40 24.82 -5.24 -14.32
CA ASP B 40 25.56 -4.57 -13.28
C ASP B 40 25.47 -5.41 -12.02
N LEU B 41 26.49 -6.22 -11.80
CA LEU B 41 26.55 -7.07 -10.62
C LEU B 41 26.24 -6.34 -9.32
N GLU B 42 26.53 -5.05 -9.23
CA GLU B 42 26.17 -4.32 -7.99
C GLU B 42 24.66 -4.17 -7.82
N ARG B 43 23.96 -4.03 -8.93
CA ARG B 43 22.49 -4.01 -8.88
C ARG B 43 21.98 -5.40 -8.49
N ALA B 44 22.53 -6.44 -9.11
CA ALA B 44 22.15 -7.77 -8.73
C ALA B 44 22.32 -7.96 -7.23
N ARG B 45 23.41 -7.44 -6.67
CA ARG B 45 23.72 -7.66 -5.25
C ARG B 45 22.72 -7.05 -4.25
N ARG B 46 21.94 -6.08 -4.71
CA ARG B 46 20.89 -5.51 -3.89
C ARG B 46 19.97 -6.57 -3.22
N VAL B 47 19.73 -7.68 -3.89
CA VAL B 47 19.00 -8.75 -3.21
C VAL B 47 19.61 -9.15 -1.88
N HIS B 48 20.94 -9.06 -1.78
CA HIS B 48 21.64 -9.46 -0.55
C HIS B 48 21.25 -8.58 0.67
N ARG B 49 20.59 -7.44 0.42
CA ARG B 49 20.08 -6.64 1.53
C ARG B 49 18.99 -7.44 2.24
N PHE B 50 18.40 -8.41 1.54
CA PHE B 50 17.24 -9.15 2.07
C PHE B 50 17.53 -10.64 2.28
N ILE B 51 18.29 -11.22 1.36
CA ILE B 51 18.60 -12.66 1.38
C ILE B 51 20.09 -12.88 1.10
N SER B 52 20.81 -13.34 2.11
CA SER B 52 22.26 -13.54 2.04
C SER B 52 22.64 -14.69 1.11
N ASP B 53 23.84 -14.57 0.54
CA ASP B 53 24.59 -15.73 0.01
C ASP B 53 24.18 -16.23 -1.35
N ILE B 54 22.97 -15.87 -1.81
CA ILE B 54 22.46 -16.41 -3.05
C ILE B 54 23.26 -15.87 -4.20
N PRO B 55 23.39 -16.67 -5.26
CA PRO B 55 24.32 -16.37 -6.34
C PRO B 55 23.83 -15.15 -7.11
N VAL B 56 24.77 -14.30 -7.52
CA VAL B 56 24.48 -13.17 -8.40
C VAL B 56 25.16 -13.42 -9.76
N LEU B 57 24.45 -13.19 -10.86
CA LEU B 57 25.05 -13.43 -12.19
C LEU B 57 24.86 -12.21 -13.06
N ASP B 58 25.69 -12.03 -14.08
CA ASP B 58 25.53 -10.81 -14.86
C ASP B 58 24.94 -11.14 -16.19
N ASN B 59 24.49 -12.38 -16.34
CA ASN B 59 23.77 -12.76 -17.54
C ASN B 59 22.84 -13.96 -17.33
N VAL B 60 21.74 -13.95 -18.07
CA VAL B 60 20.70 -14.95 -17.89
C VAL B 60 21.17 -16.39 -18.22
N PRO B 61 21.89 -16.54 -19.34
CA PRO B 61 22.41 -17.88 -19.71
C PRO B 61 23.17 -18.55 -18.56
N ALA B 62 24.03 -17.77 -17.91
CA ALA B 62 24.83 -18.29 -16.81
C ALA B 62 23.94 -18.64 -15.64
N MSE B 63 23.00 -17.76 -15.30
CA MSE B 63 22.09 -18.15 -14.22
C MSE B 63 21.34 -19.45 -14.53
O MSE B 63 21.13 -20.25 -13.63
CB MSE B 63 21.13 -17.03 -13.84
CG MSE B 63 20.13 -17.39 -12.74
SE MSE B 63 18.87 -15.85 -12.47
CE MSE B 63 18.14 -15.72 -14.28
N LEU B 64 20.89 -19.65 -15.76
CA LEU B 64 20.14 -20.86 -16.09
C LEU B 64 21.00 -22.12 -16.03
N ASN B 65 22.28 -22.00 -16.36
CA ASN B 65 23.19 -23.14 -16.24
C ASN B 65 23.53 -23.50 -14.82
N GLN B 66 23.72 -22.50 -13.96
CA GLN B 66 24.29 -22.75 -12.62
C GLN B 66 23.29 -22.89 -11.47
N VAL B 67 22.06 -22.42 -11.67
CA VAL B 67 21.10 -22.41 -10.58
C VAL B 67 19.77 -23.07 -11.04
N PRO B 68 19.37 -24.19 -10.37
CA PRO B 68 18.05 -24.82 -10.57
C PRO B 68 16.94 -23.84 -10.25
N LEU B 69 16.05 -23.60 -11.21
CA LEU B 69 15.00 -22.58 -11.11
C LEU B 69 13.74 -23.20 -11.66
N ASP B 70 12.59 -22.76 -11.15
CA ASP B 70 11.29 -23.14 -11.69
C ASP B 70 10.68 -22.00 -12.51
N ALA B 71 11.00 -20.75 -12.12
CA ALA B 71 10.45 -19.54 -12.79
C ALA B 71 11.50 -18.46 -12.81
N VAL B 72 11.50 -17.64 -13.84
CA VAL B 72 12.16 -16.35 -13.76
C VAL B 72 11.13 -15.21 -13.76
N VAL B 73 11.49 -14.13 -13.09
CA VAL B 73 10.70 -12.93 -13.05
C VAL B 73 11.61 -11.80 -13.55
N MSE B 74 11.24 -11.22 -14.69
CA MSE B 74 12.02 -10.14 -15.26
C MSE B 74 11.40 -8.74 -15.21
O MSE B 74 10.19 -8.59 -15.40
CB MSE B 74 12.40 -10.49 -16.68
CG MSE B 74 12.86 -11.96 -16.79
SE MSE B 74 13.78 -12.32 -18.52
CE MSE B 74 12.57 -13.75 -19.14
N ALA B 75 12.25 -7.75 -14.98
CA ALA B 75 11.90 -6.35 -15.12
C ALA B 75 13.01 -5.53 -15.86
N GLY B 76 13.10 -5.72 -17.16
CA GLY B 76 14.00 -4.94 -17.97
C GLY B 76 13.31 -4.51 -19.27
N PRO B 77 14.12 -4.21 -20.30
CA PRO B 77 13.62 -3.71 -21.59
C PRO B 77 12.96 -4.83 -22.35
N PRO B 78 12.14 -4.50 -23.38
CA PRO B 78 11.44 -5.61 -24.06
C PRO B 78 12.40 -6.50 -24.82
N GLN B 79 13.52 -5.95 -25.28
CA GLN B 79 14.57 -6.74 -25.94
C GLN B 79 15.03 -7.87 -25.01
N LEU B 80 15.17 -7.56 -23.73
CA LEU B 80 15.56 -8.56 -22.74
C LEU B 80 14.41 -9.55 -22.50
N HIS B 81 13.18 -9.03 -22.36
CA HIS B 81 12.07 -9.91 -22.14
C HIS B 81 11.90 -10.89 -23.27
N PHE B 82 12.05 -10.39 -24.48
CA PHE B 82 11.81 -11.20 -25.66
C PHE B 82 12.87 -12.35 -25.79
N GLU B 83 14.13 -11.98 -25.94
CA GLU B 83 15.23 -12.93 -26.13
C GLU B 83 15.44 -13.85 -24.91
N MSE B 84 15.69 -13.30 -23.73
CA MSE B 84 15.84 -14.14 -22.56
C MSE B 84 14.56 -14.90 -22.21
O MSE B 84 14.60 -15.96 -21.59
CB MSE B 84 16.38 -13.34 -21.36
CG MSE B 84 17.81 -12.81 -21.62
SE MSE B 84 18.94 -14.27 -22.45
CE MSE B 84 20.55 -13.16 -22.86
N GLY B 85 13.40 -14.36 -22.59
CA GLY B 85 12.16 -15.05 -22.35
C GLY B 85 12.02 -16.27 -23.23
N LEU B 86 12.47 -16.16 -24.47
CA LEU B 86 12.55 -17.34 -25.31
C LEU B 86 13.56 -18.39 -24.76
N LEU B 87 14.73 -17.93 -24.36
CA LEU B 87 15.75 -18.79 -23.76
C LEU B 87 15.25 -19.53 -22.51
N ALA B 88 14.67 -18.79 -21.56
CA ALA B 88 14.16 -19.46 -20.37
C ALA B 88 13.08 -20.48 -20.74
N MSE B 89 12.19 -20.10 -21.65
CA MSE B 89 11.16 -21.05 -22.03
C MSE B 89 11.65 -22.34 -22.69
O MSE B 89 11.02 -23.36 -22.50
CB MSE B 89 10.07 -20.39 -22.85
CG MSE B 89 9.23 -19.52 -22.00
SE MSE B 89 7.59 -18.89 -22.93
CE MSE B 89 8.36 -17.88 -24.39
N SER B 90 12.76 -22.28 -23.45
CA SER B 90 13.30 -23.48 -24.14
C SER B 90 13.93 -24.47 -23.16
N LYS B 91 14.35 -23.93 -22.02
CA LYS B 91 14.87 -24.74 -20.94
C LYS B 91 13.78 -25.17 -19.96
N GLY B 92 12.51 -25.06 -20.36
CA GLY B 92 11.42 -25.45 -19.49
C GLY B 92 11.24 -24.62 -18.22
N VAL B 93 11.61 -23.34 -18.28
CA VAL B 93 11.45 -22.44 -17.14
C VAL B 93 10.20 -21.61 -17.39
N ASN B 94 9.35 -21.51 -16.38
CA ASN B 94 8.23 -20.57 -16.44
C ASN B 94 8.71 -19.12 -16.44
N VAL B 95 8.05 -18.29 -17.22
CA VAL B 95 8.53 -16.93 -17.43
C VAL B 95 7.49 -15.85 -17.13
N PHE B 96 7.81 -14.96 -16.19
CA PHE B 96 7.03 -13.75 -15.88
C PHE B 96 7.89 -12.53 -16.22
N VAL B 97 7.37 -11.63 -17.05
CA VAL B 97 8.06 -10.40 -17.42
C VAL B 97 7.16 -9.18 -17.21
N GLU B 98 7.78 -8.09 -16.78
CA GLU B 98 7.12 -6.78 -16.78
C GLU B 98 6.69 -6.41 -18.19
N LYS B 99 5.68 -5.55 -18.31
CA LYS B 99 5.38 -4.96 -19.61
C LYS B 99 6.46 -3.95 -19.95
N PRO B 100 6.81 -3.83 -21.24
CA PRO B 100 6.24 -4.63 -22.34
C PRO B 100 7.06 -5.94 -22.57
N PRO B 101 6.39 -7.02 -22.99
CA PRO B 101 7.07 -8.32 -23.21
C PRO B 101 7.91 -8.31 -24.49
N CYS B 102 7.64 -7.36 -25.37
CA CYS B 102 8.33 -7.23 -26.65
C CYS B 102 7.95 -5.90 -27.28
N ALA B 103 8.60 -5.55 -28.38
CA ALA B 103 8.30 -4.30 -29.04
C ALA B 103 7.24 -4.37 -30.15
N THR B 104 7.06 -5.52 -30.78
CA THR B 104 6.21 -5.58 -31.96
C THR B 104 5.24 -6.72 -31.84
N LEU B 105 4.11 -6.59 -32.53
CA LEU B 105 3.14 -7.66 -32.69
C LEU B 105 3.74 -8.98 -33.15
N GLU B 106 4.65 -8.90 -34.12
CA GLU B 106 5.29 -10.10 -34.68
C GLU B 106 6.17 -10.81 -33.64
N GLU B 107 6.87 -10.02 -32.84
CA GLU B 107 7.54 -10.55 -31.68
C GLU B 107 6.59 -11.25 -30.74
N LEU B 108 5.45 -10.63 -30.45
CA LEU B 108 4.50 -11.20 -29.51
C LEU B 108 4.05 -12.54 -30.02
N GLU B 109 3.87 -12.63 -31.34
CA GLU B 109 3.45 -13.90 -31.97
C GLU B 109 4.50 -14.99 -31.83
N THR B 110 5.78 -14.62 -31.92
CA THR B 110 6.83 -15.58 -31.71
C THR B 110 6.77 -16.06 -30.27
N LEU B 111 6.72 -15.14 -29.33
CA LEU B 111 6.48 -15.45 -27.93
C LEU B 111 5.29 -16.38 -27.72
N ILE B 112 4.13 -16.05 -28.27
CA ILE B 112 2.97 -16.92 -28.09
C ILE B 112 3.22 -18.37 -28.56
N ASP B 113 3.84 -18.48 -29.72
CA ASP B 113 4.13 -19.78 -30.33
C ASP B 113 5.11 -20.60 -29.47
N ALA B 114 6.15 -19.92 -28.99
CA ALA B 114 7.19 -20.54 -28.18
C ALA B 114 6.61 -21.06 -26.88
N ALA B 115 5.62 -20.33 -26.38
CA ALA B 115 5.06 -20.60 -25.07
C ALA B 115 4.10 -21.79 -25.16
N ARG B 116 3.51 -21.99 -26.34
CA ARG B 116 2.58 -23.08 -26.50
C ARG B 116 3.34 -24.39 -26.68
N ARG B 117 4.43 -24.33 -27.44
CA ARG B 117 5.27 -25.50 -27.70
C ARG B 117 6.04 -25.96 -26.47
N SER B 118 6.39 -25.03 -25.60
CA SER B 118 7.24 -25.38 -24.46
C SER B 118 6.42 -25.87 -23.29
N ASP B 119 5.10 -25.65 -23.36
CA ASP B 119 4.23 -25.99 -22.24
C ASP B 119 4.74 -25.47 -20.88
N VAL B 120 5.07 -24.17 -20.79
CA VAL B 120 5.38 -23.61 -19.47
C VAL B 120 4.39 -22.50 -19.23
N VAL B 121 4.25 -22.04 -18.00
CA VAL B 121 3.41 -20.87 -17.78
C VAL B 121 4.23 -19.65 -18.16
N SER B 122 3.66 -18.80 -19.02
CA SER B 122 4.24 -17.51 -19.41
C SER B 122 3.33 -16.42 -18.84
N GLY B 123 3.87 -15.24 -18.59
CA GLY B 123 3.07 -14.19 -18.01
C GLY B 123 3.66 -12.81 -18.19
N VAL B 124 2.77 -11.83 -18.26
CA VAL B 124 3.11 -10.41 -18.31
C VAL B 124 2.53 -9.64 -17.12
N GLY B 125 3.32 -8.67 -16.65
CA GLY B 125 3.02 -7.95 -15.44
C GLY B 125 1.96 -6.88 -15.67
N MSE B 126 0.83 -7.32 -16.23
CA MSE B 126 -0.34 -6.45 -16.49
C MSE B 126 -1.13 -6.14 -15.21
O MSE B 126 -2.24 -6.64 -15.00
CB MSE B 126 -1.30 -7.19 -17.44
CG MSE B 126 -0.73 -7.49 -18.81
SE MSE B 126 0.24 -5.95 -19.60
CE MSE B 126 -1.32 -4.82 -20.04
N ASN B 127 -0.52 -5.36 -14.32
CA ASN B 127 -0.99 -5.29 -12.95
C ASN B 127 -2.35 -4.60 -12.75
N PHE B 128 -2.70 -3.66 -13.63
CA PHE B 128 -4.00 -2.95 -13.51
C PHE B 128 -5.12 -3.95 -13.50
N LYS B 129 -5.02 -4.92 -14.40
CA LYS B 129 -6.00 -5.99 -14.51
C LYS B 129 -6.25 -6.79 -13.22
N PHE B 130 -5.25 -6.84 -12.33
CA PHE B 130 -5.31 -7.63 -11.09
C PHE B 130 -5.52 -6.79 -9.85
N ALA B 131 -5.52 -5.47 -10.04
CA ALA B 131 -5.74 -4.48 -8.98
C ALA B 131 -7.06 -4.71 -8.30
N ARG B 132 -7.06 -4.75 -6.97
CA ARG B 132 -8.26 -5.13 -6.23
C ARG B 132 -9.51 -4.34 -6.71
N PRO B 133 -9.41 -3.01 -6.86
CA PRO B 133 -10.64 -2.37 -7.29
C PRO B 133 -11.01 -2.70 -8.72
N VAL B 134 -10.06 -3.02 -9.60
CA VAL B 134 -10.46 -3.42 -10.93
C VAL B 134 -11.21 -4.75 -10.87
N ARG B 135 -10.74 -5.67 -10.01
CA ARG B 135 -11.41 -6.94 -9.76
C ARG B 135 -12.84 -6.66 -9.28
N GLN B 136 -13.03 -5.68 -8.41
CA GLN B 136 -14.40 -5.42 -7.90
C GLN B 136 -15.30 -4.95 -9.06
N LEU B 137 -14.73 -4.11 -9.91
CA LEU B 137 -15.48 -3.64 -11.05
C LEU B 137 -15.86 -4.82 -11.97
N ARG B 138 -14.89 -5.69 -12.26
CA ARG B 138 -15.09 -6.84 -13.14
C ARG B 138 -16.14 -7.80 -12.56
N GLU B 139 -16.18 -7.89 -11.25
CA GLU B 139 -17.13 -8.74 -10.58
C GLU B 139 -18.58 -8.23 -10.71
N MSE B 140 -18.76 -6.91 -10.67
CA MSE B 140 -20.11 -6.32 -10.81
C MSE B 140 -20.67 -6.64 -12.18
O MSE B 140 -21.83 -6.84 -12.37
CB MSE B 140 -20.05 -4.79 -10.67
CG MSE B 140 -19.67 -4.28 -9.28
SE MSE B 140 -19.38 -2.28 -9.26
CE MSE B 140 -18.30 -2.17 -7.58
N THR B 141 -19.76 -6.68 -13.13
CA THR B 141 -20.03 -6.83 -14.54
C THR B 141 -20.63 -8.22 -14.82
N GLN B 142 -20.39 -9.17 -13.92
CA GLN B 142 -20.79 -10.56 -14.11
C GLN B 142 -22.10 -10.87 -13.34
N VAL B 143 -22.74 -9.82 -12.85
CA VAL B 143 -23.91 -9.93 -12.01
C VAL B 143 -25.14 -9.45 -12.77
N ASP B 144 -26.22 -10.24 -12.69
CA ASP B 144 -27.40 -10.02 -13.55
C ASP B 144 -27.96 -8.62 -13.54
N GLU B 145 -28.25 -8.10 -12.34
CA GLU B 145 -28.78 -6.75 -12.20
C GLU B 145 -27.87 -5.65 -12.76
N PHE B 146 -26.58 -5.92 -12.98
CA PHE B 146 -25.75 -4.85 -13.54
C PHE B 146 -26.20 -4.68 -14.99
N GLY B 147 -26.72 -5.75 -15.57
CA GLY B 147 -27.03 -5.74 -16.99
C GLY B 147 -25.77 -5.91 -17.80
N GLU B 148 -25.82 -5.47 -19.04
CA GLU B 148 -24.64 -5.55 -19.88
C GLU B 148 -23.84 -4.27 -19.78
N THR B 149 -22.54 -4.40 -20.03
CA THR B 149 -21.67 -3.25 -20.08
C THR B 149 -21.79 -2.69 -21.48
N LEU B 150 -22.26 -1.45 -21.59
CA LEU B 150 -22.45 -0.81 -22.87
C LEU B 150 -21.24 0.01 -23.23
N HIS B 151 -20.69 0.71 -22.25
CA HIS B 151 -19.58 1.61 -22.55
C HIS B 151 -18.56 1.69 -21.43
N ILE B 152 -17.31 1.82 -21.84
CA ILE B 152 -16.19 1.85 -20.93
C ILE B 152 -15.37 3.06 -21.28
N GLN B 153 -15.20 3.98 -20.34
CA GLN B 153 -14.38 5.16 -20.55
C GLN B 153 -13.12 5.06 -19.71
N LEU B 154 -12.00 5.26 -20.36
CA LEU B 154 -10.73 5.11 -19.69
C LEU B 154 -9.88 6.35 -19.89
N ASN B 155 -9.44 6.96 -18.79
CA ASN B 155 -8.57 8.12 -18.87
C ASN B 155 -7.21 7.92 -18.23
N HIS B 156 -6.18 7.85 -19.05
CA HIS B 156 -4.85 7.50 -18.58
C HIS B 156 -3.87 8.61 -18.79
N TYR B 157 -3.47 9.30 -17.74
CA TYR B 157 -2.57 10.42 -17.92
C TYR B 157 -1.14 10.07 -17.49
N ALA B 158 -0.18 10.67 -18.17
CA ALA B 158 1.23 10.47 -17.86
C ALA B 158 2.02 11.75 -18.30
N ASN B 159 3.26 11.87 -17.85
CA ASN B 159 4.12 12.94 -18.34
C ASN B 159 5.28 12.40 -19.23
N LYS B 160 5.37 11.08 -19.36
CA LYS B 160 6.44 10.43 -20.13
C LYS B 160 5.91 9.17 -20.80
N PRO B 161 6.64 8.62 -21.79
CA PRO B 161 7.94 9.17 -22.29
C PRO B 161 7.73 10.33 -23.25
N ARG B 162 8.65 11.29 -23.24
CA ARG B 162 8.59 12.33 -24.22
C ARG B 162 9.74 12.24 -25.21
N ALA B 163 10.47 11.12 -25.16
CA ALA B 163 11.48 10.78 -26.15
C ALA B 163 11.37 9.29 -26.38
N PRO B 164 11.82 8.80 -27.54
CA PRO B 164 11.76 7.35 -27.81
C PRO B 164 12.47 6.51 -26.74
N LEU B 165 11.95 5.31 -26.51
CA LEU B 165 12.54 4.39 -25.51
C LEU B 165 13.18 3.17 -26.17
N TRP B 166 14.14 2.56 -25.46
CA TRP B 166 14.77 1.30 -25.89
C TRP B 166 15.26 1.30 -27.35
N GLY B 167 15.84 2.42 -27.81
CA GLY B 167 16.32 2.50 -29.17
C GLY B 167 15.26 2.45 -30.27
N LEU B 168 13.99 2.44 -29.87
CA LEU B 168 12.90 2.52 -30.85
C LEU B 168 13.00 3.87 -31.57
N ASP B 169 12.36 4.01 -32.72
CA ASP B 169 12.40 5.28 -33.44
C ASP B 169 11.25 6.19 -33.01
N SER B 170 10.19 5.59 -32.52
CA SER B 170 8.93 6.33 -32.33
C SER B 170 8.62 6.62 -30.86
N THR B 171 8.40 7.91 -30.56
CA THR B 171 7.92 8.26 -29.23
C THR B 171 6.48 7.74 -29.04
N LEU B 172 5.70 7.64 -30.12
CA LEU B 172 4.35 7.08 -29.98
C LEU B 172 4.39 5.58 -29.63
N ARG B 173 5.13 4.79 -30.41
CA ARG B 173 5.29 3.38 -30.04
C ARG B 173 5.83 3.21 -28.62
N SER B 174 6.73 4.08 -28.20
CA SER B 174 7.28 3.92 -26.87
C SER B 174 6.21 4.16 -25.77
N PHE B 175 5.43 5.23 -25.95
CA PHE B 175 4.36 5.54 -25.04
C PHE B 175 3.30 4.44 -24.98
N LEU B 176 2.87 3.97 -26.15
CA LEU B 176 1.90 2.88 -26.19
C LEU B 176 2.43 1.62 -25.48
N LEU B 177 3.74 1.39 -25.59
CA LEU B 177 4.27 0.17 -25.02
C LEU B 177 4.57 0.36 -23.55
N ALA B 178 4.93 1.58 -23.16
CA ALA B 178 5.30 1.85 -21.76
C ALA B 178 4.07 2.11 -20.86
N GLN B 179 3.02 2.67 -21.43
CA GLN B 179 1.91 3.17 -20.60
C GLN B 179 0.56 2.66 -21.02
N ALA B 180 0.15 2.99 -22.24
CA ALA B 180 -1.23 2.77 -22.68
C ALA B 180 -1.51 1.29 -22.72
N ILE B 181 -0.48 0.49 -22.94
CA ILE B 181 -0.68 -0.98 -22.96
C ILE B 181 -1.63 -1.42 -21.82
N HIS B 182 -1.39 -0.87 -20.63
CA HIS B 182 -2.23 -1.14 -19.48
C HIS B 182 -3.73 -0.87 -19.72
N THR B 183 -4.03 0.32 -20.21
CA THR B 183 -5.39 0.74 -20.35
C THR B 183 -6.01 0.24 -21.66
N ILE B 184 -5.20 -0.03 -22.67
CA ILE B 184 -5.75 -0.74 -23.83
C ILE B 184 -6.20 -2.15 -23.42
N ASP B 185 -5.40 -2.80 -22.58
CA ASP B 185 -5.74 -4.12 -22.13
C ASP B 185 -6.95 -4.12 -21.17
N LEU B 186 -7.07 -3.08 -20.35
CA LEU B 186 -8.30 -2.97 -19.55
C LEU B 186 -9.55 -2.92 -20.44
N ALA B 187 -9.45 -2.19 -21.55
CA ALA B 187 -10.58 -2.02 -22.46
C ALA B 187 -11.01 -3.36 -23.06
N ILE B 188 -10.03 -4.12 -23.55
CA ILE B 188 -10.21 -5.49 -24.01
C ILE B 188 -10.86 -6.32 -22.90
N THR B 189 -10.37 -6.18 -21.68
CA THR B 189 -10.86 -6.98 -20.57
C THR B 189 -12.32 -6.71 -20.23
N PHE B 190 -12.72 -5.43 -20.24
CA PHE B 190 -14.12 -5.10 -19.96
C PHE B 190 -15.05 -5.26 -21.19
N GLY B 191 -14.52 -5.02 -22.38
CA GLY B 191 -15.21 -5.22 -23.65
C GLY B 191 -15.78 -6.61 -23.77
N ASP B 192 -15.04 -7.62 -23.30
CA ASP B 192 -15.58 -8.98 -23.19
C ASP B 192 -16.35 -9.40 -24.46
N GLY B 193 -15.59 -9.90 -25.45
CA GLY B 193 -16.15 -10.15 -26.77
C GLY B 193 -14.98 -9.89 -27.65
N GLU B 194 -15.02 -10.29 -28.91
CA GLU B 194 -13.86 -10.06 -29.74
C GLU B 194 -13.91 -8.63 -30.28
N LEU B 195 -12.73 -8.10 -30.55
CA LEU B 195 -12.59 -6.73 -30.99
C LEU B 195 -13.15 -6.64 -32.39
N ARG B 196 -14.12 -5.76 -32.59
CA ARG B 196 -14.68 -5.66 -33.93
C ARG B 196 -14.08 -4.49 -34.71
N ARG B 197 -13.95 -3.34 -34.05
CA ARG B 197 -13.50 -2.15 -34.74
C ARG B 197 -12.58 -1.28 -33.89
N VAL B 198 -11.63 -0.61 -34.54
CA VAL B 198 -10.80 0.33 -33.82
C VAL B 198 -10.65 1.61 -34.60
N GLN B 199 -10.75 2.74 -33.93
CA GLN B 199 -10.41 4.00 -34.55
C GLN B 199 -9.52 4.72 -33.58
N SER B 200 -8.59 5.49 -34.10
CA SER B 200 -7.71 6.20 -33.22
C SER B 200 -7.27 7.51 -33.81
N SER B 201 -6.68 8.35 -32.99
CA SER B 201 -5.94 9.47 -33.53
C SER B 201 -4.94 9.95 -32.50
N VAL B 202 -3.90 10.58 -32.99
CA VAL B 202 -2.84 11.06 -32.14
C VAL B 202 -2.71 12.53 -32.43
N GLN B 203 -2.53 13.35 -31.40
CA GLN B 203 -2.16 14.73 -31.59
C GLN B 203 -0.84 14.97 -30.92
N ARG B 204 -0.02 15.76 -31.58
CA ARG B 204 1.32 16.07 -31.11
C ARG B 204 1.46 17.55 -30.82
N HIS B 205 2.20 17.87 -29.78
CA HIS B 205 2.52 19.25 -29.52
C HIS B 205 3.88 19.24 -28.86
N ASP B 206 4.87 19.79 -29.56
CA ASP B 206 6.25 19.69 -29.12
C ASP B 206 6.59 18.23 -28.97
N ASP B 207 7.12 17.87 -27.80
CA ASP B 207 7.54 16.49 -27.51
C ASP B 207 6.44 15.65 -26.82
N ALA B 208 5.20 16.18 -26.78
CA ALA B 208 4.13 15.58 -26.01
C ALA B 208 3.10 15.00 -26.96
N LEU B 209 2.32 14.04 -26.50
CA LEU B 209 1.20 13.57 -27.33
C LEU B 209 -0.07 13.24 -26.57
N ILE B 210 -1.15 13.14 -27.34
CA ILE B 210 -2.44 12.84 -26.80
C ILE B 210 -3.04 11.85 -27.75
N VAL B 211 -3.29 10.63 -27.27
CA VAL B 211 -3.84 9.56 -28.07
C VAL B 211 -5.33 9.37 -27.71
N ARG B 212 -6.18 9.29 -28.72
CA ARG B 212 -7.58 8.90 -28.52
C ARG B 212 -7.82 7.62 -29.30
N ALA B 213 -8.45 6.62 -28.67
CA ALA B 213 -8.76 5.41 -29.39
C ALA B 213 -10.15 4.92 -29.02
N ASP B 214 -10.94 4.53 -30.02
CA ASP B 214 -12.25 3.94 -29.79
C ASP B 214 -12.32 2.52 -30.30
N MSE B 215 -12.87 1.66 -29.47
CA MSE B 215 -12.96 0.25 -29.78
C MSE B 215 -14.39 -0.22 -29.69
O MSE B 215 -15.13 0.18 -28.80
CB MSE B 215 -12.09 -0.53 -28.83
CG MSE B 215 -10.61 -0.38 -29.12
SE MSE B 215 -9.51 -0.54 -27.49
CE MSE B 215 -10.81 -1.61 -26.50
N ALA B 216 -14.79 -1.06 -30.61
CA ALA B 216 -16.11 -1.68 -30.51
C ALA B 216 -15.91 -3.19 -30.41
N PHE B 217 -16.81 -3.86 -29.68
CA PHE B 217 -16.70 -5.29 -29.41
C PHE B 217 -17.93 -6.09 -29.86
N SER B 218 -17.75 -7.39 -30.13
CA SER B 218 -18.85 -8.22 -30.62
C SER B 218 -19.95 -8.34 -29.58
N SER B 219 -19.59 -8.15 -28.31
CA SER B 219 -20.58 -8.15 -27.22
C SER B 219 -21.48 -6.91 -27.25
N GLY B 220 -21.29 -6.04 -28.24
CA GLY B 220 -22.01 -4.78 -28.31
C GLY B 220 -21.32 -3.60 -27.60
N ALA B 221 -20.49 -3.91 -26.61
CA ALA B 221 -19.79 -2.91 -25.79
C ALA B 221 -18.86 -2.02 -26.62
N THR B 222 -18.73 -0.75 -26.25
CA THR B 222 -17.78 0.13 -26.88
C THR B 222 -16.81 0.65 -25.83
N ALA B 223 -15.61 1.00 -26.26
CA ALA B 223 -14.68 1.58 -25.33
C ALA B 223 -14.07 2.83 -25.90
N SER B 224 -13.80 3.78 -25.03
CA SER B 224 -13.18 4.98 -25.46
C SER B 224 -12.03 5.33 -24.48
N LEU B 225 -10.86 5.58 -25.02
CA LEU B 225 -9.65 5.77 -24.22
C LEU B 225 -8.99 7.10 -24.51
N LEU B 226 -8.66 7.83 -23.46
CA LEU B 226 -7.87 9.05 -23.61
C LEU B 226 -6.55 8.82 -22.85
N ALA B 227 -5.41 8.97 -23.53
CA ALA B 227 -4.10 8.70 -22.93
C ALA B 227 -3.02 9.53 -23.60
N GLY B 228 -2.03 9.98 -22.85
CA GLY B 228 -0.93 10.69 -23.46
C GLY B 228 0.02 11.13 -22.39
N THR B 229 0.90 12.07 -22.76
CA THR B 229 2.03 12.48 -21.95
C THR B 229 1.93 13.97 -21.74
N SER B 230 0.87 14.52 -22.31
CA SER B 230 0.58 15.92 -22.16
C SER B 230 0.01 16.27 -20.79
N PHE B 231 0.58 15.74 -19.69
CA PHE B 231 0.00 15.93 -18.36
C PHE B 231 1.15 16.00 -17.36
N PRO B 232 0.89 16.56 -16.17
CA PRO B 232 1.90 16.68 -15.11
C PRO B 232 2.41 15.36 -14.51
N TYR B 233 1.55 14.38 -14.38
CA TYR B 233 1.88 13.17 -13.65
C TYR B 233 0.93 12.04 -14.02
N PHE B 234 1.32 10.84 -13.67
CA PHE B 234 0.54 9.66 -13.92
C PHE B 234 -0.73 9.67 -13.08
N GLU B 235 -1.90 9.57 -13.71
CA GLU B 235 -3.14 9.39 -12.97
C GLU B 235 -4.01 8.47 -13.83
N PHE B 236 -5.08 7.88 -13.25
CA PHE B 236 -5.95 7.00 -14.01
C PHE B 236 -7.36 6.97 -13.42
N ASP B 237 -8.37 7.21 -14.25
CA ASP B 237 -9.79 7.10 -13.83
C ASP B 237 -10.49 6.35 -14.92
N MSE B 238 -11.53 5.61 -14.57
CA MSE B 238 -12.31 4.92 -15.56
C MSE B 238 -13.80 4.88 -15.18
O MSE B 238 -14.12 5.07 -14.01
CB MSE B 238 -11.78 3.49 -15.74
CG MSE B 238 -12.19 2.58 -14.61
SE MSE B 238 -11.59 0.69 -14.96
CE MSE B 238 -13.15 0.19 -16.12
N LYS B 239 -14.65 4.56 -16.14
CA LYS B 239 -16.09 4.48 -16.00
C LYS B 239 -16.75 3.33 -16.75
N LEU B 240 -17.78 2.78 -16.16
CA LEU B 240 -18.59 1.78 -16.79
C LEU B 240 -20.02 2.25 -16.86
N VAL B 241 -20.63 2.17 -18.02
CA VAL B 241 -22.03 2.41 -18.18
C VAL B 241 -22.75 1.12 -18.47
N SER B 242 -23.71 0.73 -17.66
CA SER B 242 -24.39 -0.52 -17.91
C SER B 242 -25.82 -0.30 -18.42
N SER B 243 -26.47 -1.37 -18.84
CA SER B 243 -27.83 -1.31 -19.39
C SER B 243 -28.90 -1.24 -18.31
N SER B 244 -28.55 -1.32 -17.03
CA SER B 244 -29.54 -1.09 -15.98
C SER B 244 -29.50 0.38 -15.56
N SER B 245 -28.89 1.22 -16.42
CA SER B 245 -28.60 2.63 -16.13
C SER B 245 -27.68 2.82 -14.92
N THR B 246 -26.69 1.95 -14.79
CA THR B 246 -25.78 2.05 -13.68
C THR B 246 -24.54 2.67 -14.28
N LEU B 247 -24.00 3.66 -13.59
CA LEU B 247 -22.72 4.23 -13.99
C LEU B 247 -21.77 3.92 -12.84
N VAL B 248 -20.61 3.35 -13.10
CA VAL B 248 -19.63 3.10 -12.02
C VAL B 248 -18.38 3.86 -12.35
N GLU B 249 -17.86 4.65 -11.41
CA GLU B 249 -16.63 5.41 -11.62
C GLU B 249 -15.59 4.92 -10.64
N LEU B 250 -14.35 4.74 -11.12
CA LEU B 250 -13.23 4.35 -10.27
C LEU B 250 -12.11 5.40 -10.47
N ASP B 251 -11.81 6.17 -9.43
CA ASP B 251 -10.85 7.26 -9.55
C ASP B 251 -9.54 6.87 -8.89
N ASN B 252 -8.48 6.86 -9.69
CA ASN B 252 -7.13 6.52 -9.26
C ASN B 252 -6.99 5.21 -8.43
N LEU B 253 -7.81 4.21 -8.77
CA LEU B 253 -7.74 2.88 -8.15
C LEU B 253 -7.98 3.00 -6.66
N TRP B 254 -8.67 4.07 -6.32
CA TRP B 254 -8.90 4.40 -4.93
C TRP B 254 -10.42 4.38 -4.58
N ASN B 255 -11.15 5.45 -4.92
CA ASN B 255 -12.58 5.52 -4.61
C ASN B 255 -13.47 5.09 -5.75
N ILE B 256 -14.57 4.46 -5.38
CA ILE B 256 -15.57 4.04 -6.33
C ILE B 256 -16.81 4.85 -6.06
N THR B 257 -17.34 5.44 -7.11
CA THR B 257 -18.68 5.99 -7.04
C THR B 257 -19.61 5.14 -7.91
N LEU B 258 -20.77 4.81 -7.37
CA LEU B 258 -21.70 4.00 -8.13
C LEU B 258 -23.07 4.69 -8.16
N HIS B 259 -23.49 5.08 -9.35
CA HIS B 259 -24.76 5.74 -9.55
C HIS B 259 -25.72 4.71 -10.11
N GLU B 260 -26.90 4.63 -9.53
CA GLU B 260 -27.92 3.68 -9.99
C GLU B 260 -29.29 4.24 -9.66
N PRO B 261 -30.31 3.88 -10.44
CA PRO B 261 -31.66 4.42 -10.11
C PRO B 261 -32.09 3.98 -8.72
N GLU B 262 -32.67 4.85 -7.92
CA GLU B 262 -33.34 4.40 -6.69
C GLU B 262 -32.38 3.85 -5.65
N HIS B 263 -31.29 4.58 -5.43
CA HIS B 263 -30.35 4.21 -4.39
C HIS B 263 -30.95 4.75 -3.08
N ALA B 264 -30.55 4.22 -1.93
CA ALA B 264 -31.11 4.75 -0.71
C ALA B 264 -30.17 4.70 0.50
N THR B 265 -30.62 5.37 1.55
CA THR B 265 -30.08 5.21 2.91
C THR B 265 -31.26 4.88 3.79
N ARG B 266 -30.98 4.30 4.94
CA ARG B 266 -32.08 4.05 5.88
C ARG B 266 -32.72 5.34 6.39
N PRO B 267 -31.90 6.41 6.64
CA PRO B 267 -32.48 7.66 7.15
C PRO B 267 -33.22 8.52 6.13
N THR B 268 -32.98 8.32 4.83
CA THR B 268 -33.67 9.10 3.80
C THR B 268 -34.62 8.30 2.88
N GLY B 269 -34.64 6.98 3.00
CA GLY B 269 -35.37 6.13 2.06
C GLY B 269 -34.95 6.30 0.61
N ALA B 271 -34.43 11.11 -1.85
CA ALA B 271 -34.10 9.80 -2.31
C ALA B 271 -33.42 9.95 -3.63
N LYS B 272 -33.86 10.94 -4.37
CA LYS B 272 -33.25 11.18 -5.62
C LYS B 272 -31.88 11.78 -5.37
N ARG B 273 -30.94 11.36 -6.20
CA ARG B 273 -29.56 11.79 -6.21
C ARG B 273 -28.66 11.13 -5.21
N TRP B 274 -29.19 10.19 -4.46
CA TRP B 274 -28.37 9.36 -3.62
C TRP B 274 -27.61 8.39 -4.46
N ARG B 275 -26.38 8.16 -4.07
CA ARG B 275 -25.46 7.29 -4.74
C ARG B 275 -24.63 6.50 -3.76
N GLY B 276 -23.99 5.48 -4.24
CA GLY B 276 -23.08 4.73 -3.38
C GLY B 276 -21.63 5.17 -3.53
N ALA B 277 -20.89 5.18 -2.42
CA ALA B 277 -19.45 5.43 -2.52
C ALA B 277 -18.66 4.47 -1.69
N TRP B 278 -17.43 4.23 -2.15
CA TRP B 278 -16.59 3.23 -1.48
C TRP B 278 -15.16 3.67 -1.57
N GLN B 279 -14.45 3.54 -0.47
CA GLN B 279 -12.98 3.59 -0.54
C GLN B 279 -12.34 2.69 0.50
N PRO B 280 -11.02 2.43 0.36
CA PRO B 280 -10.40 1.54 1.34
C PRO B 280 -10.30 2.21 2.71
N GLY B 281 -10.08 1.41 3.76
CA GLY B 281 -9.74 1.96 5.07
C GLY B 281 -8.39 2.69 5.02
N PRO B 282 -8.11 3.53 6.04
CA PRO B 282 -6.93 4.39 6.10
C PRO B 282 -5.62 3.61 6.13
N LEU B 283 -5.64 2.39 6.64
CA LEU B 283 -4.43 1.58 6.84
C LEU B 283 -4.21 0.56 5.74
N ASP B 284 -4.94 0.75 4.64
CA ASP B 284 -4.82 -0.11 3.48
C ASP B 284 -3.36 -0.20 3.08
N SER B 285 -2.83 -1.43 3.02
CA SER B 285 -1.43 -1.57 2.59
C SER B 285 -1.05 -2.86 1.90
N GLY B 286 0.20 -2.88 1.43
CA GLY B 286 0.67 -4.00 0.63
C GLY B 286 0.52 -3.71 -0.84
N TYR B 287 0.32 -4.76 -1.61
CA TYR B 287 0.41 -4.71 -3.07
C TYR B 287 -0.85 -5.24 -3.74
N GLU B 288 -1.90 -5.48 -2.99
CA GLU B 288 -3.18 -5.90 -3.64
C GLU B 288 -3.87 -4.78 -4.40
N ARG B 289 -4.02 -3.66 -3.75
CA ARG B 289 -4.76 -2.58 -4.36
C ARG B 289 -4.16 -2.28 -5.72
N SER B 290 -2.82 -2.29 -5.82
CA SER B 290 -2.17 -1.88 -7.06
C SER B 290 -2.10 -2.96 -8.10
N GLY B 291 -2.33 -4.20 -7.68
CA GLY B 291 -2.26 -5.37 -8.57
C GLY B 291 -0.96 -6.22 -8.65
N TYR B 292 0.10 -5.78 -7.98
CA TYR B 292 1.36 -6.47 -8.11
C TYR B 292 1.26 -7.78 -7.36
N HIS B 293 0.66 -7.73 -6.18
CA HIS B 293 0.44 -8.96 -5.48
C HIS B 293 -0.35 -9.99 -6.32
N GLY B 294 -1.52 -9.60 -6.80
CA GLY B 294 -2.37 -10.55 -7.47
C GLY B 294 -1.81 -11.09 -8.77
N GLU B 295 -1.11 -10.26 -9.55
CA GLU B 295 -0.59 -10.73 -10.83
C GLU B 295 0.44 -11.89 -10.60
N LEU B 296 1.27 -11.71 -9.58
CA LEU B 296 2.29 -12.67 -9.21
C LEU B 296 1.68 -13.90 -8.56
N HIS B 297 0.73 -13.69 -7.68
CA HIS B 297 0.14 -14.80 -6.98
C HIS B 297 -0.55 -15.76 -7.97
N GLN B 298 -1.30 -15.19 -8.90
CA GLN B 298 -1.97 -15.97 -9.94
C GLN B 298 -0.99 -16.65 -10.85
N PHE B 299 0.07 -15.95 -11.21
CA PHE B 299 1.11 -16.58 -12.03
C PHE B 299 1.65 -17.87 -11.35
N PHE B 300 1.94 -17.78 -10.06
CA PHE B 300 2.40 -18.94 -9.33
C PHE B 300 1.32 -20.05 -9.15
N GLN B 301 0.08 -19.65 -8.89
CA GLN B 301 -1.03 -20.58 -8.84
C GLN B 301 -1.14 -21.32 -10.14
N ALA B 302 -1.06 -20.60 -11.26
CA ALA B 302 -1.10 -21.26 -12.57
C ALA B 302 0.01 -22.28 -12.74
N ILE B 303 1.20 -22.00 -12.21
CA ILE B 303 2.26 -23.01 -12.25
C ILE B 303 1.86 -24.26 -11.46
N ARG B 304 1.39 -24.09 -10.25
CA ARG B 304 1.04 -25.21 -9.43
C ARG B 304 -0.07 -26.07 -9.97
N GLU B 305 -1.05 -25.48 -10.62
CA GLU B 305 -2.17 -26.20 -11.14
C GLU B 305 -2.00 -26.53 -12.60
N HIS B 306 -0.85 -26.22 -13.14
CA HIS B 306 -0.60 -26.38 -14.54
C HIS B 306 -1.75 -25.93 -15.40
N ARG B 307 -2.20 -24.71 -15.15
CA ARG B 307 -3.22 -24.08 -15.93
C ARG B 307 -2.70 -22.88 -16.66
N ARG B 308 -3.54 -22.28 -17.46
CA ARG B 308 -3.22 -21.05 -18.19
C ARG B 308 -3.22 -19.83 -17.22
N PHE B 309 -2.20 -18.97 -17.30
CA PHE B 309 -2.19 -17.72 -16.51
C PHE B 309 -2.95 -16.66 -17.29
N GLU B 310 -3.86 -15.93 -16.66
CA GLU B 310 -4.77 -15.03 -17.43
C GLU B 310 -4.09 -13.87 -18.17
N ALA B 311 -2.93 -13.43 -17.71
CA ALA B 311 -2.14 -12.45 -18.47
C ALA B 311 -0.92 -13.12 -19.18
N ASP B 312 -1.15 -14.25 -19.82
CA ASP B 312 -0.12 -14.84 -20.66
C ASP B 312 0.09 -14.02 -21.93
N PHE B 313 1.13 -14.36 -22.71
CA PHE B 313 1.43 -13.66 -23.94
C PHE B 313 0.21 -13.65 -24.86
N ALA B 314 -0.45 -14.77 -25.02
CA ALA B 314 -1.63 -14.79 -25.88
C ALA B 314 -2.67 -13.72 -25.51
N SER B 315 -2.97 -13.62 -24.22
CA SER B 315 -3.97 -12.68 -23.73
C SER B 315 -3.72 -11.25 -24.27
N LEU B 316 -2.47 -10.96 -24.61
CA LEU B 316 -2.05 -9.64 -25.03
C LEU B 316 -2.18 -9.38 -26.54
N LEU B 317 -2.54 -10.41 -27.28
CA LEU B 317 -2.64 -10.30 -28.72
C LEU B 317 -3.56 -9.15 -29.18
N PRO B 318 -4.78 -9.05 -28.63
CA PRO B 318 -5.67 -7.95 -29.06
C PRO B 318 -5.10 -6.56 -28.79
N THR B 319 -4.42 -6.40 -27.65
CA THR B 319 -3.83 -5.12 -27.30
C THR B 319 -2.69 -4.72 -28.27
N TYR B 320 -1.81 -5.67 -28.61
CA TYR B 320 -0.75 -5.41 -29.61
C TYR B 320 -1.37 -5.12 -30.98
N ARG B 321 -2.49 -5.77 -31.31
CA ARG B 321 -3.23 -5.42 -32.53
C ARG B 321 -3.67 -3.99 -32.46
N VAL B 322 -4.27 -3.62 -31.34
CA VAL B 322 -4.68 -2.22 -31.22
C VAL B 322 -3.46 -1.34 -31.39
N ILE B 323 -2.35 -1.70 -30.75
CA ILE B 323 -1.15 -0.87 -30.78
C ILE B 323 -0.61 -0.68 -32.18
N GLU B 324 -0.58 -1.76 -32.98
CA GLU B 324 -0.15 -1.65 -34.37
C GLU B 324 -1.05 -0.72 -35.15
N GLU B 325 -2.35 -0.94 -35.05
CA GLU B 325 -3.33 -0.10 -35.75
C GLU B 325 -3.20 1.38 -35.39
N ILE B 326 -2.88 1.69 -34.15
CA ILE B 326 -2.68 3.10 -33.81
C ILE B 326 -1.42 3.65 -34.45
N CYS B 327 -0.36 2.86 -34.48
CA CYS B 327 0.86 3.35 -35.10
C CYS B 327 0.71 3.46 -36.62
N SER B 328 0.01 2.52 -37.22
CA SER B 328 -0.17 2.57 -38.68
C SER B 328 -0.95 3.79 -39.03
N ALA B 329 -2.13 3.92 -38.43
CA ALA B 329 -3.00 5.06 -38.67
C ALA B 329 -2.24 6.37 -38.52
N ASP B 330 -1.49 6.50 -37.43
CA ASP B 330 -0.72 7.69 -37.17
C ASP B 330 0.29 7.98 -38.27
N ALA B 331 0.92 6.94 -38.78
CA ALA B 331 1.98 7.16 -39.78
C ALA B 331 1.31 7.66 -41.07
N VAL B 332 0.13 7.14 -41.36
CA VAL B 332 -0.63 7.61 -42.52
C VAL B 332 -1.06 9.07 -42.36
N ALA B 333 -1.62 9.39 -41.20
CA ALA B 333 -2.00 10.76 -40.93
C ALA B 333 -0.79 11.68 -41.07
N GLN B 334 0.35 11.21 -40.58
CA GLN B 334 1.60 11.96 -40.66
C GLN B 334 2.08 12.07 -42.10
N GLY B 335 2.16 10.91 -42.78
CA GLY B 335 2.52 10.90 -44.18
C GLY B 335 1.73 11.91 -45.01
N LEU B 336 0.42 11.99 -44.78
CA LEU B 336 -0.43 12.96 -45.47
C LEU B 336 -0.09 14.42 -45.17
N GLN B 337 -0.01 14.77 -43.88
CA GLN B 337 0.25 16.14 -43.47
C GLN B 337 1.58 16.65 -44.05
N ASN B 338 2.62 15.83 -43.97
CA ASN B 338 3.88 16.14 -44.60
C ASN B 338 3.77 16.25 -46.13
N ALA B 339 2.98 15.38 -46.75
CA ALA B 339 2.81 15.39 -48.20
C ALA B 339 2.00 16.60 -48.64
N HIS B 340 1.05 16.99 -47.81
CA HIS B 340 0.28 18.20 -48.01
C HIS B 340 1.22 19.41 -47.95
N SER B 341 2.25 19.32 -47.14
CA SER B 341 3.08 20.50 -46.90
C SER B 341 4.15 20.72 -47.99
N ARG B 342 4.84 19.67 -48.40
CA ARG B 342 5.77 19.81 -49.52
C ARG B 342 4.95 20.02 -50.76
N ILE B 343 3.72 20.44 -50.55
CA ILE B 343 2.84 20.80 -51.64
C ILE B 343 2.45 22.22 -51.38
N ARG B 344 3.23 22.89 -50.55
CA ARG B 344 2.91 24.24 -50.11
C ARG B 344 4.13 24.86 -49.47
PA NAD C . -4.08 -12.20 17.57
O1A NAD C . -4.88 -12.99 18.71
O2A NAD C . -4.53 -12.63 16.31
O5B NAD C . -2.48 -12.35 17.66
C5B NAD C . -1.78 -12.43 18.84
C4B NAD C . -0.76 -13.53 18.88
O4B NAD C . -0.01 -13.56 20.09
C3B NAD C . -1.34 -15.01 18.77
O3B NAD C . -1.09 -15.80 17.68
C2B NAD C . -1.16 -15.57 20.17
O2B NAD C . -1.26 -16.91 20.37
C1B NAD C . 0.06 -14.83 20.57
N9A NAD C . 0.35 -14.81 21.96
C8A NAD C . -0.39 -14.50 22.96
N7A NAD C . 0.39 -14.61 24.11
C5A NAD C . 1.58 -15.18 23.75
C6A NAD C . 2.67 -15.64 24.45
N6A NAD C . 2.75 -15.47 25.86
N1A NAD C . 3.71 -16.08 23.83
C2A NAD C . 3.72 -16.18 22.52
N3A NAD C . 2.63 -15.84 21.82
C4A NAD C . 1.59 -15.34 22.45
O3 NAD C . -4.37 -10.60 17.73
PN NAD C . -3.68 -9.40 16.88
O1N NAD C . -4.94 -8.68 16.27
O2N NAD C . -2.72 -9.80 15.70
O5D NAD C . -3.10 -8.34 17.93
C5D NAD C . -1.77 -8.19 18.33
C4D NAD C . -1.32 -6.76 18.60
O4D NAD C . -1.40 -5.85 17.51
C3D NAD C . -2.04 -6.00 19.75
O3D NAD C . -1.45 -5.60 20.93
C2D NAD C . -3.02 -5.09 18.98
O2D NAD C . -3.78 -4.22 19.70
C1D NAD C . -2.08 -4.74 17.87
N1N NAD C . -2.68 -4.14 16.70
C2N NAD C . -2.14 -2.97 16.12
C3N NAD C . -2.91 -2.23 14.95
C7N NAD C . -2.11 -1.18 14.21
O7N NAD C . -2.56 -0.56 13.33
N7N NAD C . -1.03 -0.64 14.96
C4N NAD C . -3.78 -3.16 14.20
C5N NAD C . -4.12 -4.43 14.71
C6N NAD C . -3.79 -4.85 16.06
S SO4 D . 6.51 -26.21 8.58
O1 SO4 D . 7.30 -25.94 7.40
O2 SO4 D . 6.42 -27.68 8.78
O3 SO4 D . 7.20 -25.67 9.76
O4 SO4 D . 5.15 -25.61 8.36
S SO4 E . -17.53 0.47 30.60
O1 SO4 E . -18.70 0.71 29.73
O2 SO4 E . -17.22 -0.98 30.56
O3 SO4 E . -16.38 1.23 30.10
O4 SO4 E . -17.77 0.89 31.97
PA NAD F . 15.42 0.04 -14.65
O1A NAD F . 16.36 1.31 -14.19
O2A NAD F . 15.04 -0.64 -13.42
O5B NAD F . 16.13 -1.13 -15.61
C5B NAD F . 15.79 -2.51 -15.37
C4B NAD F . 17.00 -3.43 -15.20
O4B NAD F . 17.27 -4.46 -16.19
C3B NAD F . 18.44 -2.74 -15.02
O3B NAD F . 19.10 -2.76 -13.78
C2B NAD F . 19.26 -3.24 -16.22
O2B NAD F . 20.66 -3.13 -16.05
C1B NAD F . 18.64 -4.58 -16.39
N9A NAD F . 18.96 -5.20 -17.67
C8A NAD F . 18.85 -4.67 -18.87
N7A NAD F . 19.27 -5.67 -19.81
C5A NAD F . 19.67 -6.80 -19.10
C6A NAD F . 20.16 -8.04 -19.49
N6A NAD F . 20.37 -8.28 -20.90
N1A NAD F . 20.46 -8.99 -18.58
C2A NAD F . 20.26 -8.71 -17.28
N3A NAD F . 19.79 -7.48 -16.89
C4A NAD F . 19.49 -6.54 -17.81
O3 NAD F . 13.95 0.53 -15.34
PN NAD F . 12.46 0.09 -14.71
O1N NAD F . 12.49 -0.76 -13.29
O2N NAD F . 11.65 1.51 -14.44
O5D NAD F . 11.53 -0.81 -15.76
C5D NAD F . 11.82 -2.14 -16.16
C4D NAD F . 10.58 -2.85 -16.72
O4D NAD F . 9.43 -2.77 -15.86
C3D NAD F . 10.05 -2.29 -18.11
O3D NAD F . 9.92 -3.12 -19.24
C2D NAD F . 8.85 -1.38 -17.68
O2D NAD F . 7.94 -0.90 -18.64
C1D NAD F . 8.35 -2.18 -16.52
N1N NAD F . 7.62 -1.29 -15.61
C2N NAD F . 6.57 -1.80 -14.77
C3N NAD F . 5.65 -0.74 -14.00
C7N NAD F . 4.22 -0.73 -14.56
O7N NAD F . 3.48 -1.66 -14.30
N7N NAD F . 3.93 0.25 -15.63
C4N NAD F . 6.30 0.61 -13.94
C5N NAD F . 7.62 0.89 -14.41
C6N NAD F . 8.38 -0.07 -15.23
S SO4 G . 6.99 10.03 -33.00
O1 SO4 G . 6.90 11.38 -33.51
O2 SO4 G . 6.64 9.07 -34.05
O3 SO4 G . 8.33 9.72 -32.47
O4 SO4 G . 6.00 9.91 -31.93
#